data_7KBH
#
_entry.id   7KBH
#
_cell.length_a   92.410
_cell.length_b   98.800
_cell.length_c   139.550
_cell.angle_alpha   90.000
_cell.angle_beta   90.000
_cell.angle_gamma   90.000
#
_symmetry.space_group_name_H-M   'P 21 21 21'
#
loop_
_entity.id
_entity.type
_entity.pdbx_description
1 polymer 'Histone deacetylase 2'
2 non-polymer 'ZINC ION'
3 non-polymer 'CALCIUM ION'
4 non-polymer DI(HYDROXYETHYL)ETHER
5 non-polymer N-{(1S)-5-{[2-(methylsulfanyl)benzene-1-carbonyl]amino}-1-[5-(naphthalen-2-yl)-1H-imidazol-2-yl]pentyl}-1,3-thiazole-5-carboxamide
6 water water
#
_entity_poly.entity_id   1
_entity_poly.type   'polypeptide(L)'
_entity_poly.pdbx_seq_one_letter_code
;MAYSQGGGKKKVCYYYDGDIGNYYYGQGHPMKPHRIRMTHNLLLNYGLYRKMEIYRPHKATAEEMTKYHSDEYIKFLRSI
RPDNMSEYSKQMQRFNVGEDCPVFDGLFEFCQLSTGGSVAGAVKLNRQQTDMAVNWAGGLHHAKKSEASGFCYVNDIVLA
ILELLKYHQRVLYIDIDIHHGDGVEEAFYTTDRVMTVSFHKYGEYYFPGTGDLRDIGAGKGKYYAVNFPMRDGIDDESYG
QIFKPIISKVMEMYQPSAVVLQCGADSLSGDRLGCFNLTVKGHAKCVEVVKTFNLPLLMLGGGGYTIRNVARCWTYETAV
ALDCEIPNELPYNDYFEYFGPDFKLHISPSNMTNQNTPEYMEKIKQRLFENLRMLPH
;
_entity_poly.pdbx_strand_id   A,B,C
#
loop_
_chem_comp.id
_chem_comp.type
_chem_comp.name
_chem_comp.formula
CA non-polymer 'CALCIUM ION' 'Ca 2'
PEG non-polymer DI(HYDROXYETHYL)ETHER 'C4 H10 O3'
WB4 non-polymer N-{(1S)-5-{[2-(methylsulfanyl)benzene-1-carbonyl]amino}-1-[5-(naphthalen-2-yl)-1H-imidazol-2-yl]pentyl}-1,3-thiazole-5-carboxamide 'C30 H29 N5 O2 S2'
ZN non-polymer 'ZINC ION' 'Zn 2'
#
# COMPACT_ATOMS: atom_id res chain seq x y z
N GLY A 8 -9.26 -3.88 37.64
CA GLY A 8 -10.52 -4.63 37.65
C GLY A 8 -11.70 -3.82 37.15
N LYS A 9 -12.76 -3.74 37.96
CA LYS A 9 -13.93 -2.94 37.61
C LYS A 9 -13.66 -1.55 38.15
N LYS A 10 -13.90 -0.52 37.33
CA LYS A 10 -13.61 0.86 37.72
C LYS A 10 -14.82 1.73 38.08
N LYS A 11 -14.55 2.84 38.79
CA LYS A 11 -15.49 3.85 39.21
C LYS A 11 -15.76 4.78 38.02
N VAL A 12 -17.04 4.89 37.62
CA VAL A 12 -17.45 5.72 36.50
C VAL A 12 -18.30 6.88 36.94
N CYS A 13 -17.93 8.11 36.51
CA CYS A 13 -18.70 9.33 36.78
C CYS A 13 -19.25 9.77 35.44
N TYR A 14 -20.58 9.94 35.38
CA TYR A 14 -21.37 10.29 34.20
C TYR A 14 -21.95 11.71 34.37
N TYR A 15 -21.86 12.54 33.33
CA TYR A 15 -22.35 13.92 33.37
C TYR A 15 -23.50 14.13 32.42
N TYR A 16 -24.59 14.73 32.90
CA TYR A 16 -25.75 14.96 32.07
C TYR A 16 -26.62 16.14 32.57
N ASP A 17 -27.12 17.00 31.63
CA ASP A 17 -28.01 18.10 32.00
C ASP A 17 -29.31 17.81 31.31
N GLY A 18 -30.40 17.68 32.07
CA GLY A 18 -31.72 17.36 31.57
C GLY A 18 -32.22 18.29 30.49
N ASP A 19 -31.67 19.49 30.43
CA ASP A 19 -32.04 20.50 29.45
C ASP A 19 -31.36 20.33 28.11
N ILE A 20 -30.24 19.60 28.04
CA ILE A 20 -29.43 19.46 26.81
C ILE A 20 -30.27 19.15 25.55
N GLY A 21 -31.25 18.28 25.68
CA GLY A 21 -32.10 17.84 24.57
C GLY A 21 -33.05 18.89 24.02
N ASN A 22 -33.23 19.98 24.76
CA ASN A 22 -34.11 21.07 24.32
C ASN A 22 -33.44 22.10 23.37
N TYR A 23 -32.10 22.06 23.20
CA TYR A 23 -31.45 23.01 22.30
C TYR A 23 -31.67 22.61 20.82
N TYR A 24 -32.28 23.51 20.04
CA TYR A 24 -32.59 23.21 18.63
C TYR A 24 -31.71 24.02 17.67
N TYR A 25 -30.91 23.32 16.86
CA TYR A 25 -29.99 23.91 15.90
C TYR A 25 -30.68 24.57 14.70
N GLY A 26 -31.93 24.20 14.43
CA GLY A 26 -32.67 24.76 13.31
C GLY A 26 -33.24 23.70 12.41
N GLN A 27 -34.34 24.00 11.71
CA GLN A 27 -35.01 23.04 10.82
C GLN A 27 -34.10 22.37 9.80
N GLY A 28 -34.00 21.05 9.89
CA GLY A 28 -33.19 20.28 8.95
C GLY A 28 -31.72 20.14 9.27
N HIS A 29 -31.22 20.84 10.30
CA HIS A 29 -29.83 20.74 10.68
C HIS A 29 -29.59 19.33 11.25
N PRO A 30 -28.49 18.67 10.85
CA PRO A 30 -28.24 17.30 11.34
C PRO A 30 -27.78 17.15 12.80
N MET A 31 -27.40 18.26 13.46
CA MET A 31 -26.97 18.19 14.85
C MET A 31 -28.23 18.27 15.69
N LYS A 32 -28.55 17.17 16.40
CA LYS A 32 -29.74 17.02 17.21
C LYS A 32 -29.43 16.69 18.65
N PRO A 33 -29.35 17.71 19.53
CA PRO A 33 -29.06 17.46 20.96
C PRO A 33 -30.00 16.48 21.66
N HIS A 34 -31.19 16.25 21.08
CA HIS A 34 -32.18 15.30 21.56
C HIS A 34 -31.56 13.89 21.68
N ARG A 35 -30.52 13.57 20.86
CA ARG A 35 -29.83 12.27 20.85
C ARG A 35 -29.15 11.94 22.22
N ILE A 36 -28.78 12.99 22.99
N ILE A 36 -28.78 12.97 22.99
CA ILE A 36 -28.16 12.84 24.30
CA ILE A 36 -28.16 12.80 24.31
C ILE A 36 -29.26 12.45 25.32
C ILE A 36 -29.26 12.44 25.32
N ARG A 37 -30.47 13.02 25.18
CA ARG A 37 -31.59 12.68 26.06
C ARG A 37 -32.06 11.25 25.74
N MET A 38 -32.02 10.85 24.44
CA MET A 38 -32.40 9.48 24.08
C MET A 38 -31.39 8.48 24.72
N THR A 39 -30.09 8.83 24.65
CA THR A 39 -29.01 8.03 25.21
C THR A 39 -29.22 7.83 26.71
N HIS A 40 -29.42 8.94 27.46
CA HIS A 40 -29.64 8.95 28.89
C HIS A 40 -30.82 8.11 29.27
N ASN A 41 -31.92 8.30 28.55
CA ASN A 41 -33.15 7.57 28.81
C ASN A 41 -33.00 6.08 28.59
N LEU A 42 -32.19 5.69 27.60
CA LEU A 42 -31.95 4.31 27.32
C LEU A 42 -31.07 3.67 28.38
N LEU A 43 -29.94 4.29 28.72
CA LEU A 43 -29.06 3.72 29.75
C LEU A 43 -29.72 3.74 31.15
N LEU A 44 -30.63 4.68 31.41
CA LEU A 44 -31.36 4.73 32.68
C LEU A 44 -32.28 3.51 32.73
N ASN A 45 -33.02 3.28 31.62
CA ASN A 45 -34.00 2.21 31.47
C ASN A 45 -33.43 0.81 31.50
N TYR A 46 -32.12 0.69 31.29
CA TYR A 46 -31.37 -0.57 31.37
C TYR A 46 -30.85 -0.79 32.82
N GLY A 47 -30.98 0.21 33.70
CA GLY A 47 -30.58 0.18 35.10
C GLY A 47 -29.16 0.60 35.42
N LEU A 48 -28.46 1.24 34.46
CA LEU A 48 -27.06 1.66 34.61
C LEU A 48 -26.82 2.75 35.65
N TYR A 49 -27.88 3.46 36.07
CA TYR A 49 -27.78 4.49 37.09
C TYR A 49 -27.35 3.91 38.45
N ARG A 50 -27.69 2.63 38.70
CA ARG A 50 -27.33 1.95 39.94
C ARG A 50 -25.84 1.63 40.03
N LYS A 51 -25.09 1.71 38.93
CA LYS A 51 -23.68 1.38 38.95
C LYS A 51 -22.72 2.55 38.73
N MET A 52 -23.26 3.77 38.55
CA MET A 52 -22.40 4.92 38.33
C MET A 52 -22.93 6.20 38.96
N GLU A 53 -22.04 7.17 39.18
CA GLU A 53 -22.41 8.44 39.77
C GLU A 53 -22.89 9.33 38.68
N ILE A 54 -24.06 9.91 38.85
CA ILE A 54 -24.60 10.84 37.87
C ILE A 54 -24.42 12.24 38.43
N TYR A 55 -23.89 13.16 37.62
CA TYR A 55 -23.68 14.53 38.05
C TYR A 55 -24.22 15.45 37.00
N ARG A 56 -24.69 16.63 37.41
CA ARG A 56 -25.14 17.62 36.46
C ARG A 56 -23.99 18.60 36.33
N PRO A 57 -23.53 18.82 35.10
CA PRO A 57 -22.40 19.72 34.90
C PRO A 57 -22.78 21.18 35.15
N HIS A 58 -21.79 21.96 35.56
CA HIS A 58 -21.99 23.38 35.79
C HIS A 58 -21.94 24.07 34.41
N LYS A 59 -22.32 25.34 34.36
CA LYS A 59 -22.26 26.08 33.10
C LYS A 59 -20.94 26.82 33.04
N ALA A 60 -19.93 26.21 32.39
CA ALA A 60 -18.58 26.76 32.16
C ALA A 60 -18.57 28.26 31.88
N THR A 61 -17.70 28.98 32.56
CA THR A 61 -17.63 30.42 32.45
C THR A 61 -16.75 30.87 31.27
N ALA A 62 -16.88 32.14 30.87
CA ALA A 62 -16.03 32.69 29.81
C ALA A 62 -14.53 32.60 30.22
N GLU A 63 -14.24 32.63 31.53
CA GLU A 63 -12.89 32.49 32.06
C GLU A 63 -12.37 31.09 31.72
N GLU A 64 -13.22 30.06 31.89
CA GLU A 64 -12.83 28.70 31.62
C GLU A 64 -12.60 28.50 30.14
N MET A 65 -13.51 29.02 29.33
CA MET A 65 -13.45 28.91 27.88
C MET A 65 -12.27 29.66 27.29
N THR A 66 -11.82 30.76 27.93
CA THR A 66 -10.70 31.52 27.39
C THR A 66 -9.33 30.98 27.77
N LYS A 67 -9.26 29.79 28.38
CA LYS A 67 -7.97 29.16 28.65
C LYS A 67 -7.36 28.74 27.28
N TYR A 68 -8.21 28.54 26.23
CA TYR A 68 -7.80 28.19 24.88
C TYR A 68 -8.35 29.23 23.88
N HIS A 69 -9.66 29.53 23.97
CA HIS A 69 -10.28 30.46 23.04
C HIS A 69 -9.95 31.93 23.30
N SER A 70 -10.03 32.75 22.25
CA SER A 70 -9.75 34.17 22.36
C SER A 70 -10.94 34.86 23.01
N ASP A 71 -10.68 35.99 23.68
CA ASP A 71 -11.73 36.74 24.34
C ASP A 71 -12.76 37.25 23.34
N GLU A 72 -12.32 37.65 22.15
CA GLU A 72 -13.16 38.23 21.12
C GLU A 72 -14.18 37.23 20.63
N TYR A 73 -13.71 36.00 20.39
CA TYR A 73 -14.57 34.92 19.96
C TYR A 73 -15.59 34.50 21.05
N ILE A 74 -15.15 34.41 22.32
CA ILE A 74 -16.04 34.05 23.41
C ILE A 74 -17.11 35.18 23.69
N LYS A 75 -16.68 36.46 23.62
CA LYS A 75 -17.60 37.59 23.81
C LYS A 75 -18.64 37.58 22.69
N PHE A 76 -18.25 37.25 21.46
CA PHE A 76 -19.18 37.19 20.33
C PHE A 76 -20.20 36.10 20.61
N LEU A 77 -19.72 34.90 20.98
CA LEU A 77 -20.55 33.76 21.29
C LEU A 77 -21.51 34.04 22.41
N ARG A 78 -21.08 34.77 23.45
CA ARG A 78 -21.94 35.06 24.59
C ARG A 78 -22.88 36.25 24.39
N SER A 79 -22.88 36.89 23.23
CA SER A 79 -23.76 38.03 22.95
C SER A 79 -24.67 37.84 21.71
N ILE A 80 -24.24 37.00 20.75
CA ILE A 80 -25.01 36.76 19.53
C ILE A 80 -26.33 36.05 19.84
N ARG A 81 -27.40 36.42 19.12
CA ARG A 81 -28.77 35.90 19.27
C ARG A 81 -29.55 36.04 17.94
N PRO A 82 -30.58 35.21 17.72
CA PRO A 82 -31.36 35.34 16.48
C PRO A 82 -31.97 36.73 16.25
N ASP A 83 -32.26 37.46 17.34
CA ASP A 83 -32.80 38.80 17.22
C ASP A 83 -31.75 39.84 16.81
N ASN A 84 -30.56 39.86 17.46
CA ASN A 84 -29.52 40.83 17.10
C ASN A 84 -28.57 40.37 16.01
N MET A 85 -28.94 39.32 15.25
CA MET A 85 -28.13 38.74 14.18
C MET A 85 -27.65 39.72 13.10
N SER A 86 -28.56 40.57 12.58
CA SER A 86 -28.28 41.55 11.52
C SER A 86 -27.19 42.56 11.90
N GLU A 87 -27.08 42.84 13.21
CA GLU A 87 -26.09 43.78 13.72
C GLU A 87 -24.68 43.23 13.62
N TYR A 88 -24.50 41.93 13.90
CA TYR A 88 -23.19 41.29 13.86
C TYR A 88 -22.80 40.60 12.50
N SER A 89 -23.26 41.11 11.36
CA SER A 89 -22.96 40.50 10.05
C SER A 89 -21.44 40.24 9.77
N LYS A 90 -20.57 41.19 10.16
CA LYS A 90 -19.13 41.10 9.96
C LYS A 90 -18.50 40.10 10.93
N GLN A 91 -18.91 40.15 12.21
CA GLN A 91 -18.38 39.25 13.24
C GLN A 91 -18.75 37.80 12.90
N MET A 92 -19.99 37.58 12.41
CA MET A 92 -20.45 36.24 12.03
C MET A 92 -19.54 35.61 10.98
N GLN A 93 -19.16 36.38 9.96
CA GLN A 93 -18.28 35.90 8.91
C GLN A 93 -16.87 35.58 9.46
N ARG A 94 -16.34 36.47 10.30
CA ARG A 94 -15.03 36.35 10.94
C ARG A 94 -14.91 35.07 11.78
N PHE A 95 -15.97 34.71 12.51
CA PHE A 95 -15.96 33.54 13.40
C PHE A 95 -16.62 32.27 12.79
N ASN A 96 -16.98 32.30 11.51
CA ASN A 96 -17.59 31.18 10.79
C ASN A 96 -18.92 30.73 11.42
N VAL A 97 -19.76 31.70 11.76
CA VAL A 97 -21.07 31.40 12.32
C VAL A 97 -22.05 31.72 11.22
N GLY A 98 -22.76 30.71 10.74
CA GLY A 98 -23.71 30.92 9.65
C GLY A 98 -24.56 29.71 9.33
N GLU A 99 -24.26 29.06 8.20
CA GLU A 99 -25.03 27.90 7.79
C GLU A 99 -24.69 26.65 8.61
N ASP A 100 -23.43 26.22 8.60
CA ASP A 100 -23.00 25.02 9.32
C ASP A 100 -23.16 25.15 10.85
N CYS A 101 -22.72 26.27 11.40
CA CYS A 101 -22.78 26.55 12.83
C CYS A 101 -23.77 27.71 12.97
N PRO A 102 -25.08 27.44 13.00
CA PRO A 102 -26.04 28.53 13.04
C PRO A 102 -26.14 29.25 14.36
N VAL A 103 -26.85 30.38 14.35
CA VAL A 103 -27.14 31.19 15.52
C VAL A 103 -28.51 30.69 15.95
N PHE A 104 -28.61 30.13 17.14
CA PHE A 104 -29.84 29.56 17.65
C PHE A 104 -30.13 29.93 19.10
N ASP A 105 -31.39 29.85 19.51
CA ASP A 105 -31.77 30.17 20.88
C ASP A 105 -31.01 29.33 21.92
N GLY A 106 -30.31 30.02 22.83
CA GLY A 106 -29.55 29.36 23.90
C GLY A 106 -28.22 28.75 23.48
N LEU A 107 -27.66 29.20 22.36
CA LEU A 107 -26.39 28.71 21.81
C LEU A 107 -25.29 28.70 22.84
N PHE A 108 -25.10 29.84 23.52
CA PHE A 108 -24.05 29.97 24.53
C PHE A 108 -24.27 29.02 25.70
N GLU A 109 -25.50 28.87 26.17
CA GLU A 109 -25.81 27.95 27.26
C GLU A 109 -25.43 26.52 26.88
N PHE A 110 -25.79 26.09 25.65
CA PHE A 110 -25.46 24.74 25.14
C PHE A 110 -23.96 24.48 25.23
N CYS A 111 -23.15 25.48 24.86
CA CYS A 111 -21.70 25.39 24.89
C CYS A 111 -21.23 25.22 26.32
N GLN A 112 -21.82 26.01 27.25
CA GLN A 112 -21.49 25.96 28.68
C GLN A 112 -21.77 24.57 29.31
N LEU A 113 -22.84 23.91 28.88
CA LEU A 113 -23.19 22.60 29.41
C LEU A 113 -22.34 21.51 28.83
N SER A 114 -22.04 21.62 27.52
CA SER A 114 -21.22 20.67 26.82
C SER A 114 -19.79 20.74 27.39
N THR A 115 -19.28 21.94 27.58
CA THR A 115 -17.95 22.18 28.11
C THR A 115 -17.85 21.81 29.56
N GLY A 116 -18.83 22.23 30.34
CA GLY A 116 -18.91 22.00 31.77
C GLY A 116 -18.69 20.57 32.21
N GLY A 117 -19.24 19.65 31.45
CA GLY A 117 -19.09 18.23 31.76
C GLY A 117 -17.70 17.72 31.47
N SER A 118 -17.08 18.21 30.39
CA SER A 118 -15.74 17.76 30.01
C SER A 118 -14.67 18.22 31.01
N VAL A 119 -14.76 19.47 31.41
N VAL A 119 -14.74 19.48 31.42
CA VAL A 119 -13.85 20.08 32.37
CA VAL A 119 -13.79 20.01 32.40
C VAL A 119 -14.08 19.47 33.76
C VAL A 119 -14.07 19.45 33.78
N ALA A 120 -15.35 19.20 34.13
CA ALA A 120 -15.68 18.60 35.42
C ALA A 120 -15.14 17.18 35.50
N GLY A 121 -15.19 16.46 34.39
CA GLY A 121 -14.66 15.11 34.33
C GLY A 121 -13.17 15.11 34.45
N ALA A 122 -12.50 16.09 33.82
CA ALA A 122 -11.05 16.22 33.88
C ALA A 122 -10.62 16.53 35.29
N VAL A 123 -11.34 17.43 35.98
CA VAL A 123 -11.06 17.81 37.37
C VAL A 123 -11.24 16.56 38.27
N LYS A 124 -12.38 15.88 38.11
CA LYS A 124 -12.71 14.67 38.84
C LYS A 124 -11.64 13.58 38.67
N LEU A 125 -11.09 13.46 37.46
CA LEU A 125 -10.03 12.48 37.19
C LEU A 125 -8.72 12.95 37.80
N ASN A 126 -8.42 14.27 37.70
CA ASN A 126 -7.21 14.88 38.24
C ASN A 126 -7.06 14.67 39.72
N ARG A 127 -8.16 14.82 40.46
CA ARG A 127 -8.22 14.62 41.90
C ARG A 127 -8.21 13.15 42.31
N GLN A 128 -8.11 12.21 41.35
CA GLN A 128 -8.13 10.78 41.58
C GLN A 128 -9.41 10.29 42.26
N GLN A 129 -10.51 10.99 42.02
CA GLN A 129 -11.81 10.63 42.59
C GLN A 129 -12.64 9.67 41.72
N THR A 130 -12.13 9.35 40.51
CA THR A 130 -12.74 8.45 39.54
C THR A 130 -11.68 7.89 38.61
N ASP A 131 -12.00 6.76 37.97
CA ASP A 131 -11.11 6.10 37.01
C ASP A 131 -11.57 6.45 35.58
N MET A 132 -12.87 6.76 35.39
CA MET A 132 -13.44 7.12 34.12
C MET A 132 -14.47 8.20 34.26
N ALA A 133 -14.42 9.19 33.38
CA ALA A 133 -15.43 10.24 33.39
C ALA A 133 -16.08 10.22 32.01
N VAL A 134 -17.40 10.35 31.93
CA VAL A 134 -18.16 10.27 30.69
C VAL A 134 -19.00 11.51 30.46
N ASN A 135 -18.83 12.17 29.31
CA ASN A 135 -19.64 13.33 28.97
C ASN A 135 -20.04 13.16 27.51
N TRP A 136 -21.25 12.63 27.25
CA TRP A 136 -21.70 12.41 25.89
C TRP A 136 -22.06 13.71 25.16
N ALA A 137 -22.37 14.80 25.89
CA ALA A 137 -22.65 16.08 25.24
C ALA A 137 -21.35 16.80 24.73
N GLY A 138 -20.17 16.30 25.12
CA GLY A 138 -18.89 16.83 24.72
C GLY A 138 -18.34 16.14 23.49
N GLY A 139 -17.06 16.29 23.26
CA GLY A 139 -16.41 15.72 22.09
C GLY A 139 -16.60 16.54 20.82
N LEU A 140 -16.76 17.85 20.96
CA LEU A 140 -16.97 18.72 19.79
C LEU A 140 -15.62 19.21 19.16
N HIS A 141 -14.85 18.23 18.65
CA HIS A 141 -13.48 18.30 18.11
C HIS A 141 -13.15 19.26 16.98
N HIS A 142 -14.10 19.94 16.31
CA HIS A 142 -13.73 20.84 15.20
C HIS A 142 -13.56 22.30 15.57
N ALA A 143 -14.05 22.71 16.74
CA ALA A 143 -13.98 24.12 17.12
C ALA A 143 -12.54 24.61 17.25
N LYS A 144 -12.26 25.75 16.63
CA LYS A 144 -10.95 26.39 16.60
C LYS A 144 -10.83 27.53 17.62
N LYS A 145 -9.61 28.03 17.86
CA LYS A 145 -9.37 29.10 18.82
C LYS A 145 -10.30 30.31 18.66
N SER A 146 -10.44 30.83 17.44
CA SER A 146 -11.28 32.00 17.18
C SER A 146 -12.25 31.73 16.05
N GLU A 147 -12.76 30.50 15.97
CA GLU A 147 -13.65 30.15 14.88
C GLU A 147 -14.44 28.89 15.18
N ALA A 148 -15.75 28.94 14.91
CA ALA A 148 -16.62 27.78 15.04
C ALA A 148 -16.41 26.96 13.76
N SER A 149 -16.66 25.65 13.81
CA SER A 149 -16.50 24.81 12.64
C SER A 149 -17.27 23.50 12.83
N GLY A 150 -17.85 22.99 11.73
CA GLY A 150 -18.59 21.73 11.68
C GLY A 150 -19.49 21.42 12.85
N PHE A 151 -20.47 22.30 13.10
CA PHE A 151 -21.48 22.24 14.16
C PHE A 151 -20.92 22.42 15.57
N CYS A 152 -19.62 22.70 15.73
CA CYS A 152 -18.99 22.91 17.05
C CYS A 152 -18.68 24.39 17.24
N TYR A 153 -18.76 24.88 18.49
CA TYR A 153 -18.45 26.28 18.74
C TYR A 153 -17.34 26.37 19.77
N VAL A 154 -17.43 25.58 20.85
CA VAL A 154 -16.40 25.63 21.88
C VAL A 154 -15.72 24.28 21.95
N ASN A 155 -14.37 24.23 21.90
CA ASN A 155 -13.67 22.95 21.93
C ASN A 155 -13.49 22.48 23.35
N ASP A 156 -14.50 21.78 23.87
CA ASP A 156 -14.46 21.29 25.24
C ASP A 156 -13.32 20.28 25.46
N ILE A 157 -12.91 19.59 24.40
CA ILE A 157 -11.85 18.59 24.47
C ILE A 157 -10.54 19.25 24.78
N VAL A 158 -10.22 20.35 24.07
CA VAL A 158 -8.97 21.06 24.27
C VAL A 158 -8.92 21.60 25.70
N LEU A 159 -10.03 22.18 26.17
CA LEU A 159 -10.14 22.73 27.50
C LEU A 159 -9.95 21.65 28.55
N ALA A 160 -10.55 20.48 28.33
CA ALA A 160 -10.42 19.34 29.25
C ALA A 160 -9.00 18.79 29.23
N ILE A 161 -8.30 18.87 28.08
CA ILE A 161 -6.92 18.39 28.00
C ILE A 161 -6.01 19.37 28.76
N LEU A 162 -6.27 20.68 28.62
CA LEU A 162 -5.55 21.74 29.32
C LEU A 162 -5.71 21.55 30.85
N GLU A 163 -6.88 21.07 31.28
CA GLU A 163 -7.14 20.79 32.68
C GLU A 163 -6.30 19.60 33.15
N LEU A 164 -6.26 18.54 32.34
CA LEU A 164 -5.49 17.36 32.67
C LEU A 164 -4.00 17.66 32.72
N LEU A 165 -3.51 18.51 31.81
CA LEU A 165 -2.09 18.90 31.75
C LEU A 165 -1.56 19.56 33.04
N LYS A 166 -2.46 19.89 33.98
CA LYS A 166 -2.10 20.48 35.26
C LYS A 166 -1.46 19.42 36.15
N TYR A 167 -1.97 18.18 36.11
CA TYR A 167 -1.44 17.08 36.93
C TYR A 167 -0.81 15.97 36.11
N HIS A 168 -0.83 16.06 34.74
CA HIS A 168 -0.29 15.02 33.86
C HIS A 168 0.72 15.61 32.88
N GLN A 169 1.95 15.01 32.82
CA GLN A 169 2.98 15.51 31.91
C GLN A 169 2.63 15.23 30.44
N ARG A 170 2.19 13.98 30.15
CA ARG A 170 1.75 13.44 28.85
C ARG A 170 0.29 12.93 28.88
N VAL A 171 -0.55 13.45 27.95
CA VAL A 171 -1.96 13.11 27.75
C VAL A 171 -2.13 12.54 26.33
N LEU A 172 -2.91 11.45 26.17
CA LEU A 172 -3.15 10.80 24.88
C LEU A 172 -4.56 11.03 24.46
N TYR A 173 -4.76 11.61 23.27
CA TYR A 173 -6.08 11.89 22.73
C TYR A 173 -6.34 10.93 21.55
N ILE A 174 -7.41 10.13 21.59
CA ILE A 174 -7.80 9.19 20.54
C ILE A 174 -9.18 9.61 20.03
N ASP A 175 -9.33 9.65 18.70
CA ASP A 175 -10.52 10.14 18.04
C ASP A 175 -11.07 9.11 17.06
N ILE A 176 -12.20 8.47 17.41
CA ILE A 176 -12.77 7.48 16.52
C ILE A 176 -13.99 7.99 15.73
N ASP A 177 -14.25 9.33 15.72
CA ASP A 177 -15.30 9.95 14.91
C ASP A 177 -14.96 9.68 13.43
N ILE A 178 -15.94 9.73 12.51
CA ILE A 178 -15.64 9.53 11.09
C ILE A 178 -14.78 10.68 10.54
N HIS A 179 -14.94 11.89 11.09
CA HIS A 179 -14.17 13.04 10.63
C HIS A 179 -12.87 13.17 11.40
N HIS A 180 -11.90 13.88 10.82
CA HIS A 180 -10.60 14.16 11.41
C HIS A 180 -10.81 15.19 12.53
N GLY A 181 -10.16 14.98 13.68
CA GLY A 181 -10.25 15.88 14.84
C GLY A 181 -9.27 17.02 14.69
N ASP A 182 -9.55 17.89 13.72
CA ASP A 182 -8.70 18.99 13.35
C ASP A 182 -8.43 19.94 14.48
N GLY A 183 -9.49 20.40 15.15
CA GLY A 183 -9.40 21.36 16.25
C GLY A 183 -8.50 20.90 17.37
N VAL A 184 -8.60 19.62 17.77
CA VAL A 184 -7.74 19.13 18.83
C VAL A 184 -6.28 19.02 18.34
N GLU A 185 -6.09 18.48 17.13
CA GLU A 185 -4.76 18.34 16.55
C GLU A 185 -4.03 19.68 16.42
N GLU A 186 -4.74 20.72 15.93
CA GLU A 186 -4.23 22.09 15.72
C GLU A 186 -3.83 22.73 17.03
N ALA A 187 -4.68 22.59 18.06
CA ALA A 187 -4.42 23.14 19.37
C ALA A 187 -3.08 22.68 19.95
N PHE A 188 -2.76 21.35 19.85
CA PHE A 188 -1.52 20.81 20.40
C PHE A 188 -0.53 20.32 19.34
N TYR A 189 -0.58 20.91 18.13
CA TYR A 189 0.27 20.49 17.01
C TYR A 189 1.74 20.65 17.25
N THR A 190 2.12 21.61 18.09
CA THR A 190 3.55 21.91 18.31
C THR A 190 4.04 21.58 19.71
N THR A 191 3.47 20.54 20.33
CA THR A 191 3.90 20.12 21.65
C THR A 191 3.94 18.60 21.76
N ASP A 192 4.89 18.10 22.53
CA ASP A 192 4.98 16.66 22.80
C ASP A 192 4.15 16.27 24.04
N ARG A 193 3.59 17.26 24.78
CA ARG A 193 2.80 17.04 25.99
C ARG A 193 1.45 16.36 25.71
N VAL A 194 0.95 16.51 24.48
CA VAL A 194 -0.28 15.86 24.06
C VAL A 194 -0.03 15.19 22.72
N MET A 195 -0.38 13.90 22.63
CA MET A 195 -0.30 13.13 21.41
C MET A 195 -1.73 12.91 20.89
N THR A 196 -2.01 13.44 19.69
CA THR A 196 -3.34 13.28 19.12
C THR A 196 -3.32 12.25 18.02
N VAL A 197 -4.02 11.13 18.24
CA VAL A 197 -4.15 10.00 17.33
C VAL A 197 -5.58 10.02 16.78
N SER A 198 -5.73 10.14 15.46
CA SER A 198 -7.05 10.21 14.84
C SER A 198 -7.24 9.21 13.67
N PHE A 199 -8.34 8.45 13.69
CA PHE A 199 -8.71 7.50 12.65
C PHE A 199 -9.95 8.14 12.04
N HIS A 200 -9.91 8.37 10.74
CA HIS A 200 -11.01 9.05 10.07
C HIS A 200 -11.05 8.72 8.59
N LYS A 201 -12.13 9.12 7.91
CA LYS A 201 -12.29 8.96 6.47
C LYS A 201 -11.57 10.18 5.84
N TYR A 202 -10.86 9.94 4.74
CA TYR A 202 -10.09 11.00 4.12
C TYR A 202 -10.12 10.97 2.61
N GLY A 203 -10.09 12.15 2.00
CA GLY A 203 -10.02 12.32 0.57
C GLY A 203 -11.23 12.83 -0.16
N GLU A 204 -10.96 13.44 -1.33
CA GLU A 204 -11.94 13.98 -2.27
C GLU A 204 -12.98 14.88 -1.62
N TYR A 205 -12.51 16.01 -1.10
CA TYR A 205 -13.31 17.06 -0.47
C TYR A 205 -14.19 16.58 0.70
N TYR A 206 -13.69 15.64 1.51
CA TYR A 206 -14.46 15.15 2.65
C TYR A 206 -14.07 15.98 3.84
N PHE A 207 -15.06 16.54 4.52
CA PHE A 207 -14.90 17.39 5.70
C PHE A 207 -14.02 16.70 6.77
N PRO A 208 -13.08 17.46 7.38
CA PRO A 208 -12.79 18.89 7.17
C PRO A 208 -11.72 19.19 6.11
N GLY A 209 -11.22 18.16 5.42
CA GLY A 209 -10.18 18.33 4.40
C GLY A 209 -8.80 17.95 4.91
N THR A 210 -8.58 17.99 6.21
CA THR A 210 -7.29 17.66 6.82
C THR A 210 -7.23 16.19 7.30
N GLY A 211 -6.08 15.81 7.87
CA GLY A 211 -5.88 14.47 8.40
C GLY A 211 -5.03 13.56 7.58
N ASP A 212 -4.17 14.14 6.71
CA ASP A 212 -3.26 13.34 5.90
C ASP A 212 -2.29 12.57 6.78
N LEU A 213 -1.88 11.41 6.32
CA LEU A 213 -0.93 10.51 6.97
C LEU A 213 0.40 11.23 7.21
N ARG A 214 0.80 12.09 6.25
CA ARG A 214 2.03 12.88 6.28
C ARG A 214 1.95 14.09 7.25
N ASP A 215 0.80 14.32 7.91
CA ASP A 215 0.65 15.36 8.93
C ASP A 215 1.01 14.68 10.25
N ILE A 216 2.25 14.93 10.72
CA ILE A 216 2.84 14.33 11.91
C ILE A 216 3.24 15.29 13.05
N GLY A 217 2.84 16.55 12.97
CA GLY A 217 3.20 17.51 14.00
C GLY A 217 4.34 18.42 13.60
N ALA A 218 4.55 19.51 14.32
CA ALA A 218 5.59 20.46 14.01
C ALA A 218 6.40 20.86 15.25
N GLY A 219 7.63 21.33 15.06
CA GLY A 219 8.51 21.75 16.15
C GLY A 219 8.70 20.69 17.21
N LYS A 220 8.50 21.03 18.49
CA LYS A 220 8.63 20.04 19.57
C LYS A 220 7.56 18.91 19.47
N GLY A 221 6.50 19.15 18.71
CA GLY A 221 5.42 18.20 18.53
C GLY A 221 5.57 17.31 17.32
N LYS A 222 6.74 17.35 16.64
CA LYS A 222 6.96 16.49 15.48
C LYS A 222 6.99 15.04 15.95
N TYR A 223 6.16 14.21 15.32
CA TYR A 223 5.91 12.80 15.61
C TYR A 223 4.84 12.63 16.73
N TYR A 224 4.20 13.73 17.19
CA TYR A 224 3.15 13.65 18.21
C TYR A 224 1.72 13.84 17.66
N ALA A 225 1.55 13.81 16.33
CA ALA A 225 0.26 13.89 15.67
C ALA A 225 0.21 12.69 14.73
N VAL A 226 -0.70 11.76 15.00
CA VAL A 226 -0.89 10.54 14.22
C VAL A 226 -2.26 10.56 13.53
N ASN A 227 -2.26 10.25 12.24
CA ASN A 227 -3.45 10.24 11.41
C ASN A 227 -3.52 8.96 10.59
N PHE A 228 -4.69 8.30 10.62
CA PHE A 228 -4.97 7.09 9.88
C PHE A 228 -6.08 7.40 8.89
N PRO A 229 -5.71 7.77 7.65
CA PRO A 229 -6.74 8.07 6.66
C PRO A 229 -7.35 6.78 6.09
N MET A 230 -8.69 6.68 6.14
CA MET A 230 -9.40 5.52 5.61
C MET A 230 -10.30 5.94 4.43
N ARG A 231 -10.84 4.96 3.69
CA ARG A 231 -11.77 5.16 2.56
C ARG A 231 -13.18 4.75 3.01
N ASP A 232 -14.22 4.86 2.14
CA ASP A 232 -15.59 4.46 2.51
C ASP A 232 -15.65 2.96 2.86
N GLY A 233 -16.71 2.55 3.56
CA GLY A 233 -17.03 1.17 3.88
C GLY A 233 -16.25 0.36 4.87
N ILE A 234 -15.38 0.98 5.66
CA ILE A 234 -14.59 0.22 6.64
C ILE A 234 -15.48 -0.62 7.58
N ASP A 235 -15.18 -1.91 7.74
CA ASP A 235 -16.01 -2.78 8.60
C ASP A 235 -15.34 -3.05 9.98
N ASP A 236 -16.04 -3.75 10.90
CA ASP A 236 -15.54 -4.09 12.23
C ASP A 236 -14.19 -4.82 12.15
N GLU A 237 -14.09 -5.83 11.26
CA GLU A 237 -12.91 -6.66 11.07
C GLU A 237 -11.69 -5.83 10.68
N SER A 238 -11.80 -4.97 9.63
CA SER A 238 -10.74 -4.08 9.14
C SER A 238 -10.29 -3.09 10.22
N TYR A 239 -11.24 -2.40 10.87
CA TYR A 239 -10.94 -1.43 11.91
C TYR A 239 -10.26 -2.12 13.11
N GLY A 240 -10.78 -3.28 13.49
CA GLY A 240 -10.29 -4.08 14.61
C GLY A 240 -8.86 -4.56 14.49
N GLN A 241 -8.40 -4.79 13.26
CA GLN A 241 -7.02 -5.24 13.03
C GLN A 241 -5.99 -4.09 13.11
N ILE A 242 -6.44 -2.83 13.08
CA ILE A 242 -5.54 -1.70 13.10
C ILE A 242 -5.55 -0.96 14.43
N PHE A 243 -6.68 -0.91 15.09
CA PHE A 243 -6.83 -0.14 16.31
C PHE A 243 -5.95 -0.63 17.47
N LYS A 244 -6.09 -1.92 17.88
CA LYS A 244 -5.25 -2.43 18.96
C LYS A 244 -3.76 -2.31 18.68
N PRO A 245 -3.22 -2.78 17.53
CA PRO A 245 -1.77 -2.59 17.29
C PRO A 245 -1.27 -1.13 17.31
N ILE A 246 -2.02 -0.17 16.74
CA ILE A 246 -1.59 1.24 16.77
C ILE A 246 -1.63 1.75 18.21
N ILE A 247 -2.77 1.57 18.91
CA ILE A 247 -2.90 2.05 20.28
C ILE A 247 -1.86 1.39 21.22
N SER A 248 -1.56 0.12 21.05
CA SER A 248 -0.58 -0.60 21.88
C SER A 248 0.83 -0.01 21.71
N LYS A 249 1.20 0.36 20.47
CA LYS A 249 2.51 0.95 20.15
C LYS A 249 2.58 2.36 20.65
N VAL A 250 1.49 3.12 20.51
CA VAL A 250 1.42 4.48 21.02
C VAL A 250 1.56 4.48 22.54
N MET A 251 1.06 3.45 23.23
CA MET A 251 1.16 3.33 24.70
C MET A 251 2.58 2.99 25.16
N GLU A 252 3.26 2.16 24.36
CA GLU A 252 4.62 1.70 24.59
C GLU A 252 5.64 2.82 24.37
N MET A 253 5.48 3.58 23.27
CA MET A 253 6.40 4.67 22.95
C MET A 253 6.09 5.95 23.67
N TYR A 254 4.81 6.33 23.72
CA TYR A 254 4.42 7.58 24.35
C TYR A 254 4.31 7.51 25.86
N GLN A 255 3.96 6.34 26.43
CA GLN A 255 3.80 6.20 27.89
C GLN A 255 2.96 7.33 28.57
N PRO A 256 1.67 7.50 28.20
CA PRO A 256 0.87 8.56 28.84
C PRO A 256 0.40 8.19 30.25
N SER A 257 -0.12 9.19 30.97
CA SER A 257 -0.66 8.99 32.32
C SER A 257 -2.21 9.26 32.36
N ALA A 258 -2.75 9.84 31.28
CA ALA A 258 -4.17 10.10 31.17
C ALA A 258 -4.56 9.97 29.71
N VAL A 259 -5.79 9.52 29.47
CA VAL A 259 -6.29 9.36 28.13
C VAL A 259 -7.65 10.03 28.01
N VAL A 260 -7.91 10.65 26.83
CA VAL A 260 -9.15 11.28 26.40
C VAL A 260 -9.52 10.53 25.11
N LEU A 261 -10.72 9.95 25.10
CA LEU A 261 -11.21 9.19 23.97
C LEU A 261 -12.53 9.76 23.51
N GLN A 262 -12.52 10.43 22.33
CA GLN A 262 -13.68 11.04 21.66
C GLN A 262 -14.33 9.85 20.91
N CYS A 263 -15.61 9.55 21.21
CA CYS A 263 -16.34 8.40 20.67
C CYS A 263 -17.39 8.71 19.61
N GLY A 264 -17.11 9.65 18.71
CA GLY A 264 -18.04 10.02 17.63
C GLY A 264 -18.70 8.85 16.93
N ALA A 265 -20.04 8.79 17.02
CA ALA A 265 -20.84 7.71 16.43
C ALA A 265 -21.16 7.88 14.95
N ASP A 266 -20.66 8.94 14.29
CA ASP A 266 -20.91 9.13 12.85
C ASP A 266 -20.12 8.12 11.97
N SER A 267 -19.22 7.31 12.61
CA SER A 267 -18.44 6.24 12.00
C SER A 267 -19.20 4.87 12.02
N LEU A 268 -20.50 4.86 12.42
CA LEU A 268 -21.32 3.67 12.45
C LEU A 268 -22.03 3.44 11.12
N SER A 269 -22.35 2.17 10.83
CA SER A 269 -23.10 1.74 9.65
C SER A 269 -24.42 2.47 9.61
N GLY A 270 -24.78 2.96 8.43
CA GLY A 270 -26.04 3.66 8.22
C GLY A 270 -26.12 5.08 8.70
N ASP A 271 -25.01 5.69 9.21
CA ASP A 271 -25.09 7.09 9.66
C ASP A 271 -25.44 8.00 8.47
N ARG A 272 -26.36 8.94 8.65
CA ARG A 272 -26.79 9.80 7.55
C ARG A 272 -25.70 10.73 7.03
N LEU A 273 -24.65 10.97 7.82
CA LEU A 273 -23.54 11.84 7.41
C LEU A 273 -22.22 11.06 7.16
N GLY A 274 -22.16 9.80 7.58
CA GLY A 274 -20.97 8.98 7.43
C GLY A 274 -21.12 7.91 6.38
N CYS A 275 -19.99 7.38 5.94
CA CYS A 275 -19.88 6.32 4.95
C CYS A 275 -19.10 5.13 5.46
N PHE A 276 -18.98 4.95 6.80
CA PHE A 276 -18.30 3.79 7.37
C PHE A 276 -19.31 2.67 7.61
N ASN A 277 -18.86 1.47 7.97
CA ASN A 277 -19.75 0.33 8.17
C ASN A 277 -19.49 -0.43 9.47
N LEU A 278 -19.13 0.28 10.54
CA LEU A 278 -18.90 -0.38 11.83
C LEU A 278 -20.22 -0.60 12.53
N THR A 279 -20.33 -1.69 13.29
CA THR A 279 -21.51 -1.95 14.11
C THR A 279 -21.19 -1.41 15.55
N VAL A 280 -22.16 -1.42 16.47
CA VAL A 280 -21.93 -0.93 17.84
C VAL A 280 -20.87 -1.81 18.55
N LYS A 281 -20.85 -3.13 18.28
CA LYS A 281 -19.84 -4.00 18.91
C LYS A 281 -18.43 -3.62 18.37
N GLY A 282 -18.33 -3.29 17.09
CA GLY A 282 -17.06 -2.91 16.49
C GLY A 282 -16.57 -1.57 16.99
N HIS A 283 -17.51 -0.63 17.16
CA HIS A 283 -17.18 0.71 17.64
C HIS A 283 -16.77 0.61 19.12
N ALA A 284 -17.56 -0.12 19.95
CA ALA A 284 -17.28 -0.32 21.38
C ALA A 284 -15.97 -1.06 21.64
N LYS A 285 -15.49 -1.85 20.68
CA LYS A 285 -14.25 -2.59 20.82
C LYS A 285 -13.07 -1.63 21.15
N CYS A 286 -13.11 -0.40 20.61
CA CYS A 286 -12.14 0.66 20.82
C CYS A 286 -12.12 1.11 22.29
N VAL A 287 -13.27 1.19 22.92
CA VAL A 287 -13.38 1.59 24.32
C VAL A 287 -12.75 0.51 25.19
N GLU A 288 -13.01 -0.78 24.87
CA GLU A 288 -12.48 -1.95 25.57
C GLU A 288 -10.96 -1.99 25.47
N VAL A 289 -10.44 -1.68 24.27
CA VAL A 289 -9.02 -1.68 23.99
C VAL A 289 -8.33 -0.64 24.87
N VAL A 290 -8.82 0.58 24.83
CA VAL A 290 -8.27 1.67 25.61
C VAL A 290 -8.36 1.40 27.09
N LYS A 291 -9.47 0.82 27.54
CA LYS A 291 -9.72 0.46 28.95
C LYS A 291 -8.72 -0.56 29.52
N THR A 292 -8.12 -1.46 28.71
CA THR A 292 -7.18 -2.45 29.26
C THR A 292 -5.90 -1.82 29.85
N PHE A 293 -5.50 -0.64 29.37
CA PHE A 293 -4.29 0.04 29.86
C PHE A 293 -4.42 0.68 31.25
N ASN A 294 -5.60 0.57 31.88
CA ASN A 294 -5.96 1.05 33.20
C ASN A 294 -5.41 2.42 33.53
N LEU A 295 -5.57 3.37 32.61
CA LEU A 295 -5.12 4.75 32.82
C LEU A 295 -6.34 5.67 33.01
N PRO A 296 -6.24 6.75 33.84
CA PRO A 296 -7.38 7.70 33.96
C PRO A 296 -7.95 8.09 32.60
N LEU A 297 -9.24 7.77 32.38
CA LEU A 297 -9.88 7.96 31.10
C LEU A 297 -11.06 8.90 31.05
N LEU A 298 -11.05 9.87 30.11
CA LEU A 298 -12.20 10.77 29.90
C LEU A 298 -12.83 10.37 28.57
N MET A 299 -14.11 9.94 28.59
CA MET A 299 -14.85 9.49 27.41
C MET A 299 -15.85 10.55 26.94
N LEU A 300 -15.67 11.04 25.69
CA LEU A 300 -16.56 12.06 25.16
C LEU A 300 -17.47 11.57 24.00
N GLY A 301 -18.43 12.40 23.61
CA GLY A 301 -19.31 12.10 22.49
C GLY A 301 -18.70 12.62 21.19
N GLY A 302 -19.53 13.13 20.31
CA GLY A 302 -19.08 13.65 19.01
C GLY A 302 -20.17 13.50 17.98
N GLY A 303 -19.78 13.20 16.75
CA GLY A 303 -20.72 13.04 15.64
C GLY A 303 -21.77 11.97 15.79
N GLY A 304 -22.77 12.00 14.92
CA GLY A 304 -23.89 11.07 14.86
C GLY A 304 -25.22 11.71 14.48
N TYR A 305 -25.76 11.39 13.25
CA TYR A 305 -27.04 11.90 12.72
C TYR A 305 -28.16 10.83 12.85
N THR A 306 -27.86 9.53 12.67
CA THR A 306 -28.89 8.48 12.89
C THR A 306 -28.97 8.31 14.41
N ILE A 307 -29.79 9.16 15.08
CA ILE A 307 -29.94 9.28 16.52
C ILE A 307 -30.32 7.97 17.23
N ARG A 308 -31.01 7.04 16.54
CA ARG A 308 -31.31 5.76 17.18
C ARG A 308 -30.00 4.98 17.36
N ASN A 309 -29.10 5.03 16.37
CA ASN A 309 -27.82 4.34 16.47
C ASN A 309 -26.87 5.03 17.44
N VAL A 310 -26.96 6.36 17.56
CA VAL A 310 -26.14 7.12 18.50
C VAL A 310 -26.51 6.68 19.93
N ALA A 311 -27.82 6.63 20.23
CA ALA A 311 -28.31 6.23 21.55
C ALA A 311 -27.90 4.81 21.87
N ARG A 312 -27.98 3.89 20.89
CA ARG A 312 -27.56 2.50 21.13
C ARG A 312 -26.06 2.45 21.49
N CYS A 313 -25.23 3.03 20.62
CA CYS A 313 -23.78 3.07 20.71
C CYS A 313 -23.24 3.58 22.04
N TRP A 314 -23.73 4.75 22.49
CA TRP A 314 -23.26 5.35 23.72
C TRP A 314 -23.85 4.66 24.95
N THR A 315 -25.00 3.98 24.83
CA THR A 315 -25.57 3.21 25.93
C THR A 315 -24.65 2.00 26.13
N TYR A 316 -24.27 1.33 25.02
CA TYR A 316 -23.41 0.16 25.11
C TYR A 316 -22.01 0.53 25.56
N GLU A 317 -21.46 1.67 25.09
CA GLU A 317 -20.11 2.07 25.51
C GLU A 317 -20.06 2.50 26.98
N THR A 318 -21.20 2.96 27.54
CA THR A 318 -21.28 3.27 28.97
C THR A 318 -21.23 1.89 29.71
N ALA A 319 -22.00 0.89 29.21
CA ALA A 319 -22.05 -0.45 29.78
C ALA A 319 -20.67 -1.08 29.77
N VAL A 320 -19.92 -0.94 28.66
CA VAL A 320 -18.55 -1.45 28.50
C VAL A 320 -17.66 -0.83 29.56
N ALA A 321 -17.74 0.49 29.71
CA ALA A 321 -16.98 1.22 30.72
C ALA A 321 -17.30 0.71 32.12
N LEU A 322 -18.53 0.27 32.36
CA LEU A 322 -18.93 -0.27 33.67
C LEU A 322 -18.61 -1.76 33.82
N ASP A 323 -18.25 -2.45 32.73
CA ASP A 323 -18.02 -3.91 32.70
C ASP A 323 -19.35 -4.59 33.07
N CYS A 324 -20.45 -4.04 32.52
CA CYS A 324 -21.82 -4.45 32.72
C CYS A 324 -22.35 -5.09 31.46
N GLU A 325 -22.89 -6.30 31.59
CA GLU A 325 -23.44 -7.02 30.47
C GLU A 325 -24.91 -6.62 30.40
N ILE A 326 -25.37 -6.11 29.25
CA ILE A 326 -26.76 -5.73 29.09
C ILE A 326 -27.42 -6.51 27.97
N PRO A 327 -28.70 -6.88 28.11
CA PRO A 327 -29.36 -7.65 27.03
C PRO A 327 -29.57 -6.91 25.71
N ASN A 328 -29.44 -7.65 24.60
CA ASN A 328 -29.66 -7.10 23.27
C ASN A 328 -31.12 -6.66 23.13
N GLU A 329 -32.06 -7.28 23.88
CA GLU A 329 -33.46 -6.90 23.84
C GLU A 329 -33.57 -5.56 24.56
N LEU A 330 -34.01 -4.51 23.85
CA LEU A 330 -34.12 -3.19 24.45
C LEU A 330 -35.20 -3.07 25.51
N PRO A 331 -34.92 -2.39 26.64
CA PRO A 331 -35.97 -2.20 27.63
C PRO A 331 -36.92 -1.11 27.12
N TYR A 332 -38.14 -1.07 27.70
CA TYR A 332 -39.10 -0.04 27.31
C TYR A 332 -38.54 1.32 27.73
N ASN A 333 -38.74 2.34 26.91
CA ASN A 333 -38.20 3.66 27.20
C ASN A 333 -39.03 4.74 26.52
N ASP A 334 -38.79 6.00 26.87
CA ASP A 334 -39.51 7.14 26.33
C ASP A 334 -39.42 7.33 24.81
N TYR A 335 -38.50 6.61 24.15
CA TYR A 335 -38.30 6.72 22.70
C TYR A 335 -38.31 5.37 22.03
N PHE A 336 -39.01 4.37 22.62
CA PHE A 336 -39.06 2.99 22.14
C PHE A 336 -39.32 2.88 20.64
N GLU A 337 -40.26 3.69 20.11
CA GLU A 337 -40.62 3.72 18.69
C GLU A 337 -39.47 4.11 17.75
N TYR A 338 -38.43 4.83 18.23
CA TYR A 338 -37.28 5.21 17.38
C TYR A 338 -36.43 4.01 16.98
N PHE A 339 -36.43 2.94 17.81
CA PHE A 339 -35.63 1.73 17.63
C PHE A 339 -36.29 0.60 16.86
N GLY A 340 -37.37 0.91 16.18
CA GLY A 340 -38.05 -0.08 15.37
C GLY A 340 -37.27 -0.36 14.10
N PRO A 341 -37.58 -1.44 13.39
CA PRO A 341 -38.60 -2.47 13.67
C PRO A 341 -38.03 -3.68 14.43
N ASP A 342 -36.79 -3.61 14.94
CA ASP A 342 -36.18 -4.72 15.66
C ASP A 342 -36.25 -4.56 17.18
N PHE A 343 -36.17 -3.32 17.69
CA PHE A 343 -36.16 -3.03 19.13
C PHE A 343 -35.05 -3.81 19.85
N LYS A 344 -33.89 -3.89 19.17
CA LYS A 344 -32.66 -4.56 19.60
C LYS A 344 -31.56 -3.51 19.80
N LEU A 345 -30.61 -3.74 20.71
CA LEU A 345 -29.52 -2.81 20.96
C LEU A 345 -28.45 -2.85 19.87
N HIS A 346 -28.11 -4.05 19.37
CA HIS A 346 -27.06 -4.17 18.38
C HIS A 346 -27.56 -3.97 16.95
N ILE A 347 -26.65 -3.49 16.10
CA ILE A 347 -26.96 -3.19 14.72
C ILE A 347 -26.18 -4.11 13.77
N SER A 348 -26.72 -4.30 12.57
CA SER A 348 -26.10 -5.13 11.53
C SER A 348 -25.39 -4.26 10.51
N PRO A 349 -24.25 -4.74 9.99
CA PRO A 349 -23.55 -3.96 8.97
C PRO A 349 -24.24 -4.09 7.61
N SER A 350 -24.09 -3.07 6.78
CA SER A 350 -24.67 -3.03 5.44
C SER A 350 -23.84 -3.83 4.41
N ASN A 351 -24.39 -4.01 3.18
CA ASN A 351 -23.69 -4.75 2.12
C ASN A 351 -22.72 -3.87 1.30
N MET A 352 -22.37 -2.68 1.82
CA MET A 352 -21.49 -1.76 1.14
C MET A 352 -20.09 -2.29 0.97
N THR A 353 -19.44 -1.85 -0.11
CA THR A 353 -18.10 -2.31 -0.40
C THR A 353 -17.11 -1.64 0.53
N ASN A 354 -16.17 -2.44 1.05
CA ASN A 354 -15.15 -1.91 1.94
C ASN A 354 -13.96 -1.51 1.03
N GLN A 355 -13.84 -0.20 0.69
CA GLN A 355 -12.76 0.31 -0.17
C GLN A 355 -11.35 0.07 0.44
N ASN A 356 -11.28 -0.10 1.74
CA ASN A 356 -10.06 -0.35 2.45
C ASN A 356 -9.70 -1.82 2.26
N THR A 357 -8.74 -2.10 1.38
CA THR A 357 -8.28 -3.47 1.17
C THR A 357 -7.38 -3.82 2.35
N PRO A 358 -7.30 -5.09 2.79
CA PRO A 358 -6.46 -5.42 3.95
C PRO A 358 -5.00 -4.99 3.78
N GLU A 359 -4.53 -4.97 2.53
CA GLU A 359 -3.18 -4.54 2.20
C GLU A 359 -3.01 -3.05 2.46
N TYR A 360 -4.03 -2.25 2.19
CA TYR A 360 -4.02 -0.82 2.42
C TYR A 360 -3.90 -0.60 3.94
N MET A 361 -4.76 -1.29 4.72
CA MET A 361 -4.74 -1.22 6.18
C MET A 361 -3.36 -1.52 6.76
N GLU A 362 -2.70 -2.54 6.27
CA GLU A 362 -1.39 -2.95 6.73
C GLU A 362 -0.30 -1.98 6.27
N LYS A 363 -0.47 -1.34 5.10
CA LYS A 363 0.53 -0.41 4.59
C LYS A 363 0.53 0.88 5.41
N ILE A 364 -0.68 1.44 5.67
CA ILE A 364 -0.81 2.66 6.46
C ILE A 364 -0.28 2.40 7.87
N LYS A 365 -0.68 1.26 8.47
CA LYS A 365 -0.22 0.87 9.81
C LYS A 365 1.32 0.79 9.86
N GLN A 366 1.93 0.18 8.83
CA GLN A 366 3.38 0.06 8.74
C GLN A 366 4.05 1.44 8.73
N ARG A 367 3.57 2.37 7.89
CA ARG A 367 4.11 3.73 7.82
C ARG A 367 3.93 4.49 9.13
N LEU A 368 2.86 4.18 9.89
CA LEU A 368 2.60 4.83 11.16
C LEU A 368 3.60 4.37 12.19
N PHE A 369 3.90 3.07 12.23
CA PHE A 369 4.88 2.48 13.15
C PHE A 369 6.27 3.05 12.90
N GLU A 370 6.60 3.44 11.62
CA GLU A 370 7.90 4.02 11.24
C GLU A 370 8.07 5.34 11.98
N ASN A 371 6.98 6.16 12.00
CA ASN A 371 6.93 7.47 12.63
C ASN A 371 7.01 7.30 14.15
N LEU A 372 6.40 6.22 14.71
CA LEU A 372 6.42 5.93 16.13
C LEU A 372 7.80 5.51 16.64
N ARG A 373 8.69 5.04 15.73
CA ARG A 373 10.06 4.68 16.10
C ARG A 373 10.88 5.94 16.48
N MET A 374 10.44 7.13 15.98
CA MET A 374 11.09 8.41 16.17
C MET A 374 10.91 9.04 17.53
N LEU A 375 10.08 8.45 18.39
CA LEU A 375 9.89 8.97 19.75
C LEU A 375 11.08 8.49 20.59
N PRO A 376 11.51 9.31 21.56
CA PRO A 376 12.62 8.89 22.43
C PRO A 376 12.35 7.59 23.17
N LYS B 10 16.17 21.04 -20.51
CA LYS B 10 14.99 20.79 -21.35
C LYS B 10 13.69 21.03 -20.60
N LYS B 11 12.91 21.97 -21.12
CA LYS B 11 11.65 22.38 -20.56
C LYS B 11 10.54 21.43 -20.94
N VAL B 12 9.65 21.15 -19.97
CA VAL B 12 8.51 20.26 -20.17
C VAL B 12 7.21 20.95 -19.79
N CYS B 13 6.24 20.96 -20.72
CA CYS B 13 4.88 21.47 -20.47
C CYS B 13 3.93 20.24 -20.43
N TYR B 14 2.91 20.31 -19.61
CA TYR B 14 2.01 19.21 -19.39
C TYR B 14 0.58 19.72 -19.31
N TYR B 15 -0.36 19.04 -19.97
CA TYR B 15 -1.75 19.45 -19.98
C TYR B 15 -2.65 18.53 -19.19
N TYR B 16 -3.50 19.12 -18.39
CA TYR B 16 -4.48 18.39 -17.61
C TYR B 16 -5.71 19.25 -17.27
N ASP B 17 -6.88 18.67 -17.39
CA ASP B 17 -8.11 19.31 -17.01
C ASP B 17 -8.70 18.44 -15.92
N GLY B 18 -9.00 19.05 -14.79
CA GLY B 18 -9.55 18.34 -13.64
C GLY B 18 -10.89 17.68 -13.81
N ASP B 19 -11.60 17.93 -14.94
CA ASP B 19 -12.91 17.31 -15.22
C ASP B 19 -12.80 16.04 -16.06
N ILE B 20 -11.66 15.81 -16.74
CA ILE B 20 -11.45 14.67 -17.62
C ILE B 20 -11.76 13.33 -16.96
N GLY B 21 -11.45 13.20 -15.67
CA GLY B 21 -11.67 11.97 -14.93
C GLY B 21 -13.12 11.62 -14.68
N ASN B 22 -14.05 12.55 -14.92
CA ASN B 22 -15.49 12.38 -14.71
C ASN B 22 -16.32 11.95 -15.94
N TYR B 23 -15.71 11.88 -17.14
CA TYR B 23 -16.43 11.44 -18.34
C TYR B 23 -16.48 9.94 -18.26
N TYR B 24 -17.69 9.36 -18.27
CA TYR B 24 -17.88 7.91 -18.13
C TYR B 24 -18.47 7.32 -19.41
N TYR B 25 -17.78 6.32 -19.99
CA TYR B 25 -18.18 5.63 -21.22
C TYR B 25 -19.35 4.64 -21.00
N GLY B 26 -19.55 4.19 -19.75
CA GLY B 26 -20.63 3.27 -19.45
C GLY B 26 -20.18 2.05 -18.69
N GLN B 27 -21.13 1.30 -18.11
CA GLN B 27 -20.84 0.09 -17.33
C GLN B 27 -20.19 -0.98 -18.19
N GLY B 28 -19.10 -1.55 -17.67
CA GLY B 28 -18.35 -2.61 -18.33
C GLY B 28 -17.39 -2.14 -19.41
N HIS B 29 -17.50 -0.86 -19.82
CA HIS B 29 -16.65 -0.33 -20.87
C HIS B 29 -15.21 -0.21 -20.43
N PRO B 30 -14.28 -0.83 -21.18
CA PRO B 30 -12.87 -0.77 -20.80
C PRO B 30 -12.22 0.60 -20.78
N MET B 31 -12.67 1.56 -21.62
CA MET B 31 -12.07 2.89 -21.62
C MET B 31 -12.45 3.66 -20.35
N LYS B 32 -11.47 4.01 -19.49
CA LYS B 32 -11.79 4.73 -18.24
C LYS B 32 -11.01 6.03 -18.04
N PRO B 33 -11.58 7.21 -18.37
CA PRO B 33 -10.83 8.47 -18.20
C PRO B 33 -10.40 8.81 -16.76
N HIS B 34 -10.91 8.06 -15.76
CA HIS B 34 -10.51 8.20 -14.37
C HIS B 34 -8.98 7.90 -14.25
N ARG B 35 -8.44 7.02 -15.13
CA ARG B 35 -7.02 6.64 -15.19
C ARG B 35 -6.12 7.89 -15.39
N ILE B 36 -6.59 8.90 -16.14
CA ILE B 36 -5.84 10.15 -16.34
C ILE B 36 -5.75 10.92 -15.03
N ARG B 37 -6.82 10.89 -14.23
CA ARG B 37 -6.87 11.55 -12.93
C ARG B 37 -5.97 10.83 -11.92
N MET B 38 -5.95 9.49 -11.96
CA MET B 38 -5.09 8.72 -11.06
C MET B 38 -3.62 9.03 -11.36
N THR B 39 -3.26 9.13 -12.65
CA THR B 39 -1.92 9.45 -13.11
C THR B 39 -1.53 10.85 -12.58
N HIS B 40 -2.41 11.83 -12.76
CA HIS B 40 -2.18 13.20 -12.36
C HIS B 40 -1.98 13.31 -10.86
N ASN B 41 -2.81 12.65 -10.08
CA ASN B 41 -2.69 12.66 -8.64
C ASN B 41 -1.42 12.00 -8.17
N LEU B 42 -0.94 10.98 -8.88
CA LEU B 42 0.28 10.30 -8.52
C LEU B 42 1.50 11.21 -8.72
N LEU B 43 1.61 11.89 -9.89
N LEU B 43 1.54 11.90 -9.88
CA LEU B 43 2.74 12.79 -10.13
CA LEU B 43 2.58 12.86 -10.26
C LEU B 43 2.70 14.02 -9.22
C LEU B 43 2.66 14.01 -9.27
N LEU B 44 1.51 14.47 -8.77
CA LEU B 44 1.44 15.60 -7.84
C LEU B 44 2.02 15.15 -6.47
N ASN B 45 1.71 13.91 -6.05
CA ASN B 45 2.19 13.40 -4.77
C ASN B 45 3.69 13.05 -4.82
N TYR B 46 4.25 12.73 -6.02
CA TYR B 46 5.70 12.53 -6.19
C TYR B 46 6.44 13.96 -6.25
N GLY B 47 5.65 15.06 -6.32
CA GLY B 47 6.10 16.43 -6.39
C GLY B 47 6.67 16.86 -7.73
N LEU B 48 6.33 16.13 -8.80
CA LEU B 48 6.86 16.47 -10.13
C LEU B 48 6.32 17.78 -10.71
N TYR B 49 5.26 18.34 -10.11
CA TYR B 49 4.68 19.60 -10.56
C TYR B 49 5.68 20.75 -10.43
N ARG B 50 6.58 20.68 -9.45
CA ARG B 50 7.59 21.71 -9.21
C ARG B 50 8.61 21.81 -10.34
N LYS B 51 8.80 20.73 -11.09
CA LYS B 51 9.76 20.65 -12.19
C LYS B 51 9.13 20.89 -13.59
N MET B 52 7.78 21.00 -13.67
CA MET B 52 7.15 21.20 -14.97
C MET B 52 6.03 22.22 -14.96
N GLU B 53 5.69 22.74 -16.14
CA GLU B 53 4.63 23.71 -16.33
C GLU B 53 3.32 22.97 -16.52
N ILE B 54 2.35 23.22 -15.64
CA ILE B 54 1.07 22.54 -15.73
C ILE B 54 0.01 23.47 -16.29
N TYR B 55 -0.56 23.12 -17.45
CA TYR B 55 -1.58 23.91 -18.10
C TYR B 55 -2.91 23.18 -18.17
N ARG B 56 -4.01 23.94 -18.15
CA ARG B 56 -5.38 23.44 -18.33
C ARG B 56 -5.66 23.68 -19.85
N PRO B 57 -6.00 22.61 -20.59
CA PRO B 57 -6.28 22.77 -22.02
C PRO B 57 -7.58 23.50 -22.32
N HIS B 58 -7.70 24.03 -23.53
CA HIS B 58 -8.93 24.69 -23.95
C HIS B 58 -9.84 23.62 -24.54
N LYS B 59 -11.13 23.94 -24.73
CA LYS B 59 -12.06 23.01 -25.36
C LYS B 59 -11.91 23.32 -26.83
N ALA B 60 -11.17 22.45 -27.54
CA ALA B 60 -10.92 22.57 -28.98
C ALA B 60 -12.23 22.77 -29.74
N THR B 61 -12.25 23.72 -30.64
CA THR B 61 -13.46 24.08 -31.38
C THR B 61 -13.75 23.20 -32.62
N ALA B 62 -14.94 23.35 -33.20
CA ALA B 62 -15.32 22.68 -34.44
C ALA B 62 -14.37 23.09 -35.55
N GLU B 63 -13.98 24.37 -35.60
CA GLU B 63 -13.04 24.92 -36.58
C GLU B 63 -11.68 24.20 -36.51
N GLU B 64 -11.23 23.87 -35.31
CA GLU B 64 -9.97 23.18 -35.08
C GLU B 64 -10.08 21.71 -35.47
N MET B 65 -11.18 21.05 -35.11
CA MET B 65 -11.37 19.65 -35.44
C MET B 65 -11.62 19.43 -36.92
N THR B 66 -12.26 20.38 -37.60
CA THR B 66 -12.54 20.24 -39.02
C THR B 66 -11.33 20.43 -39.91
N LYS B 67 -10.16 20.79 -39.36
CA LYS B 67 -8.94 20.88 -40.17
C LYS B 67 -8.56 19.46 -40.72
N TYR B 68 -9.15 18.36 -40.14
CA TYR B 68 -9.00 16.97 -40.54
C TYR B 68 -10.37 16.27 -40.71
N HIS B 69 -11.17 16.22 -39.65
CA HIS B 69 -12.49 15.57 -39.68
C HIS B 69 -13.48 16.38 -40.50
N SER B 70 -14.50 15.69 -41.04
CA SER B 70 -15.53 16.33 -41.84
C SER B 70 -16.57 17.06 -41.01
N ASP B 71 -17.13 18.13 -41.54
CA ASP B 71 -18.15 18.95 -40.89
C ASP B 71 -19.33 18.11 -40.41
N GLU B 72 -19.87 17.22 -41.28
CA GLU B 72 -21.00 16.35 -41.04
C GLU B 72 -20.76 15.48 -39.80
N TYR B 73 -19.55 14.91 -39.67
CA TYR B 73 -19.17 14.06 -38.54
C TYR B 73 -19.05 14.86 -37.23
N ILE B 74 -18.37 16.02 -37.26
CA ILE B 74 -18.20 16.84 -36.06
C ILE B 74 -19.53 17.45 -35.59
N LYS B 75 -20.40 17.85 -36.53
CA LYS B 75 -21.73 18.38 -36.20
C LYS B 75 -22.55 17.28 -35.47
N PHE B 76 -22.42 16.05 -35.91
CA PHE B 76 -23.07 14.90 -35.32
C PHE B 76 -22.53 14.70 -33.89
N LEU B 77 -21.21 14.79 -33.69
CA LEU B 77 -20.61 14.62 -32.36
C LEU B 77 -21.02 15.73 -31.41
N ARG B 78 -21.23 16.94 -31.94
CA ARG B 78 -21.64 18.13 -31.19
C ARG B 78 -23.17 18.11 -30.85
N SER B 79 -23.96 17.25 -31.56
CA SER B 79 -25.41 17.11 -31.39
C SER B 79 -25.89 15.87 -30.65
N ILE B 80 -25.22 14.74 -30.86
CA ILE B 80 -25.63 13.48 -30.27
C ILE B 80 -25.57 13.48 -28.74
N ARG B 81 -26.63 12.96 -28.14
CA ARG B 81 -26.84 12.87 -26.70
C ARG B 81 -27.65 11.59 -26.39
N PRO B 82 -27.48 11.01 -25.19
CA PRO B 82 -28.31 9.84 -24.82
C PRO B 82 -29.83 10.09 -24.92
N ASP B 83 -30.28 11.34 -24.67
CA ASP B 83 -31.70 11.68 -24.73
C ASP B 83 -32.26 11.87 -26.14
N ASN B 84 -31.39 11.96 -27.16
CA ASN B 84 -31.87 12.11 -28.54
C ASN B 84 -31.34 11.02 -29.50
N MET B 85 -30.76 9.92 -28.95
CA MET B 85 -30.20 8.80 -29.70
C MET B 85 -31.18 8.18 -30.70
N SER B 86 -32.47 8.13 -30.32
CA SER B 86 -33.55 7.57 -31.15
C SER B 86 -33.77 8.40 -32.44
N GLU B 87 -33.51 9.71 -32.37
CA GLU B 87 -33.63 10.62 -33.51
C GLU B 87 -32.46 10.50 -34.50
N TYR B 88 -31.33 9.90 -34.09
CA TYR B 88 -30.16 9.81 -34.95
C TYR B 88 -29.67 8.38 -35.22
N SER B 89 -30.56 7.39 -35.23
CA SER B 89 -30.16 6.00 -35.47
C SER B 89 -29.35 5.80 -36.78
N LYS B 90 -29.77 6.44 -37.89
CA LYS B 90 -29.05 6.29 -39.16
C LYS B 90 -27.70 7.00 -39.17
N GLN B 91 -27.60 8.16 -38.52
CA GLN B 91 -26.34 8.90 -38.43
C GLN B 91 -25.37 8.12 -37.52
N MET B 92 -25.86 7.54 -36.42
CA MET B 92 -25.04 6.75 -35.50
C MET B 92 -24.32 5.62 -36.25
N GLN B 93 -25.06 4.87 -37.10
CA GLN B 93 -24.59 3.75 -37.93
C GLN B 93 -23.53 4.21 -38.95
N ARG B 94 -23.77 5.34 -39.60
CA ARG B 94 -22.89 5.93 -40.61
C ARG B 94 -21.55 6.33 -40.00
N PHE B 95 -21.60 6.89 -38.78
CA PHE B 95 -20.42 7.39 -38.07
C PHE B 95 -19.76 6.38 -37.12
N ASN B 96 -20.33 5.16 -37.02
CA ASN B 96 -19.89 4.02 -36.20
C ASN B 96 -19.96 4.30 -34.70
N VAL B 97 -20.89 5.14 -34.30
CA VAL B 97 -21.10 5.47 -32.90
C VAL B 97 -22.21 4.55 -32.43
N GLY B 98 -21.93 3.71 -31.44
CA GLY B 98 -22.92 2.78 -30.92
C GLY B 98 -22.44 1.77 -29.92
N GLU B 99 -21.66 0.77 -30.36
CA GLU B 99 -21.16 -0.27 -29.45
C GLU B 99 -19.82 0.14 -28.79
N ASP B 100 -18.67 -0.10 -29.46
CA ASP B 100 -17.32 0.21 -28.98
C ASP B 100 -17.21 1.68 -28.62
N CYS B 101 -17.79 2.59 -29.42
CA CYS B 101 -17.76 4.03 -29.16
C CYS B 101 -19.19 4.45 -28.83
N PRO B 102 -19.60 4.32 -27.56
CA PRO B 102 -20.98 4.65 -27.20
C PRO B 102 -21.26 6.13 -27.01
N VAL B 103 -22.55 6.50 -26.97
CA VAL B 103 -22.97 7.88 -26.74
C VAL B 103 -23.10 7.99 -25.23
N PHE B 104 -22.34 8.90 -24.63
CA PHE B 104 -22.39 9.12 -23.19
C PHE B 104 -22.46 10.62 -22.88
N ASP B 105 -22.84 11.00 -21.65
CA ASP B 105 -22.96 12.41 -21.28
C ASP B 105 -21.65 13.15 -21.35
N GLY B 106 -21.64 14.26 -22.08
CA GLY B 106 -20.43 15.05 -22.21
C GLY B 106 -19.43 14.51 -23.23
N LEU B 107 -19.90 13.69 -24.17
CA LEU B 107 -19.09 13.12 -25.22
C LEU B 107 -18.28 14.17 -25.97
N PHE B 108 -18.93 15.23 -26.49
CA PHE B 108 -18.22 16.30 -27.20
C PHE B 108 -17.21 16.99 -26.30
N GLU B 109 -17.60 17.39 -25.08
CA GLU B 109 -16.75 18.03 -24.07
C GLU B 109 -15.47 17.19 -23.84
N PHE B 110 -15.64 15.86 -23.81
CA PHE B 110 -14.52 14.94 -23.59
C PHE B 110 -13.49 14.98 -24.78
N CYS B 111 -13.98 15.05 -26.02
CA CYS B 111 -13.14 15.13 -27.22
C CYS B 111 -12.49 16.50 -27.30
N GLN B 112 -13.22 17.56 -26.89
CA GLN B 112 -12.72 18.92 -26.89
C GLN B 112 -11.50 19.06 -26.00
N LEU B 113 -11.55 18.47 -24.79
CA LEU B 113 -10.45 18.50 -23.84
C LEU B 113 -9.26 17.58 -24.27
N SER B 114 -9.53 16.34 -24.68
CA SER B 114 -8.45 15.43 -25.14
C SER B 114 -7.73 16.02 -26.35
N THR B 115 -8.49 16.65 -27.26
CA THR B 115 -7.89 17.25 -28.46
C THR B 115 -7.20 18.55 -28.14
N GLY B 116 -7.82 19.34 -27.25
CA GLY B 116 -7.34 20.62 -26.76
C GLY B 116 -5.91 20.55 -26.28
N GLY B 117 -5.59 19.57 -25.45
CA GLY B 117 -4.26 19.34 -24.90
C GLY B 117 -3.22 18.99 -25.96
N SER B 118 -3.60 18.21 -26.97
CA SER B 118 -2.66 17.83 -28.03
C SER B 118 -2.30 19.02 -28.95
N VAL B 119 -3.31 19.72 -29.45
CA VAL B 119 -3.13 20.84 -30.36
C VAL B 119 -2.39 21.99 -29.67
N ALA B 120 -2.72 22.25 -28.40
CA ALA B 120 -2.06 23.31 -27.64
C ALA B 120 -0.55 23.00 -27.45
N GLY B 121 -0.22 21.75 -27.21
CA GLY B 121 1.17 21.34 -27.05
C GLY B 121 1.94 21.46 -28.34
N ALA B 122 1.29 21.12 -29.46
CA ALA B 122 1.93 21.25 -30.77
C ALA B 122 2.21 22.76 -31.05
N VAL B 123 1.29 23.67 -30.61
CA VAL B 123 1.50 25.10 -30.81
C VAL B 123 2.68 25.59 -30.00
N LYS B 124 2.78 25.14 -28.74
CA LYS B 124 3.90 25.52 -27.87
C LYS B 124 5.24 25.02 -28.43
N LEU B 125 5.22 23.87 -29.12
CA LEU B 125 6.44 23.33 -29.69
C LEU B 125 6.86 24.16 -30.92
N ASN B 126 5.89 24.60 -31.72
CA ASN B 126 6.11 25.42 -32.91
C ASN B 126 6.66 26.79 -32.53
N ARG B 127 6.13 27.37 -31.45
CA ARG B 127 6.59 28.67 -30.98
C ARG B 127 7.84 28.56 -30.12
N GLN B 128 8.51 27.39 -30.10
CA GLN B 128 9.72 27.05 -29.34
C GLN B 128 9.65 27.47 -27.88
N GLN B 129 8.43 27.53 -27.32
CA GLN B 129 8.24 27.89 -25.93
C GLN B 129 8.39 26.65 -25.03
N THR B 130 8.89 25.50 -25.56
CA THR B 130 9.09 24.25 -24.83
C THR B 130 9.83 23.19 -25.66
N ASP B 131 10.42 22.22 -24.98
CA ASP B 131 11.11 21.12 -25.67
C ASP B 131 10.26 19.83 -25.66
N MET B 132 9.36 19.70 -24.70
CA MET B 132 8.49 18.56 -24.58
C MET B 132 7.13 18.99 -24.12
N ALA B 133 6.09 18.51 -24.79
CA ALA B 133 4.70 18.79 -24.40
C ALA B 133 4.10 17.41 -24.10
N VAL B 134 3.36 17.30 -23.00
CA VAL B 134 2.76 16.04 -22.57
C VAL B 134 1.24 16.18 -22.39
N ASN B 135 0.41 15.25 -22.95
CA ASN B 135 -1.07 15.21 -22.82
C ASN B 135 -1.53 13.75 -22.74
N TRP B 136 -1.67 13.24 -21.53
CA TRP B 136 -2.08 11.86 -21.33
C TRP B 136 -3.54 11.63 -21.70
N ALA B 137 -4.38 12.69 -21.86
CA ALA B 137 -5.76 12.50 -22.33
C ALA B 137 -5.81 12.20 -23.86
N GLY B 138 -4.72 12.49 -24.58
CA GLY B 138 -4.57 12.30 -26.01
C GLY B 138 -4.17 10.89 -26.39
N GLY B 139 -3.70 10.74 -27.62
CA GLY B 139 -3.29 9.45 -28.18
C GLY B 139 -4.45 8.65 -28.79
N LEU B 140 -5.59 9.31 -29.06
CA LEU B 140 -6.76 8.61 -29.62
C LEU B 140 -6.65 8.37 -31.17
N HIS B 141 -5.72 7.45 -31.55
CA HIS B 141 -5.22 7.05 -32.87
C HIS B 141 -6.12 6.25 -33.77
N HIS B 142 -7.20 5.65 -33.27
CA HIS B 142 -8.09 4.85 -34.12
C HIS B 142 -9.12 5.73 -34.85
N ALA B 143 -9.48 6.89 -34.30
CA ALA B 143 -10.46 7.80 -34.93
C ALA B 143 -10.16 8.12 -36.38
N LYS B 144 -11.17 8.08 -37.21
CA LYS B 144 -11.03 8.33 -38.62
C LYS B 144 -11.62 9.69 -39.00
N LYS B 145 -11.44 10.10 -40.25
CA LYS B 145 -11.94 11.39 -40.73
C LYS B 145 -13.47 11.54 -40.51
N SER B 146 -14.24 10.56 -40.93
CA SER B 146 -15.70 10.58 -40.79
C SER B 146 -16.28 9.44 -40.01
N GLU B 147 -15.51 8.87 -39.07
CA GLU B 147 -16.04 7.80 -38.24
C GLU B 147 -15.24 7.53 -36.97
N ALA B 148 -15.96 7.20 -35.91
CA ALA B 148 -15.40 6.81 -34.63
C ALA B 148 -14.94 5.36 -34.75
N SER B 149 -13.89 4.96 -33.99
CA SER B 149 -13.39 3.59 -34.01
C SER B 149 -12.64 3.28 -32.73
N GLY B 150 -12.75 2.05 -32.25
CA GLY B 150 -12.03 1.56 -31.08
C GLY B 150 -11.82 2.52 -29.93
N PHE B 151 -12.94 3.04 -29.37
CA PHE B 151 -13.05 3.96 -28.24
C PHE B 151 -12.61 5.41 -28.57
N CYS B 152 -12.25 5.71 -29.81
CA CYS B 152 -11.78 7.03 -30.20
C CYS B 152 -12.76 7.72 -31.10
N TYR B 153 -13.06 9.03 -30.85
CA TYR B 153 -13.99 9.75 -31.72
C TYR B 153 -13.26 10.82 -32.54
N VAL B 154 -12.42 11.64 -31.92
CA VAL B 154 -11.69 12.68 -32.62
C VAL B 154 -10.19 12.36 -32.56
N ASN B 155 -9.51 12.35 -33.72
CA ASN B 155 -8.09 12.05 -33.78
C ASN B 155 -7.23 13.24 -33.42
N ASP B 156 -6.95 13.40 -32.12
CA ASP B 156 -6.12 14.49 -31.62
C ASP B 156 -4.68 14.42 -32.18
N ILE B 157 -4.20 13.20 -32.51
CA ILE B 157 -2.87 12.99 -33.05
C ILE B 157 -2.74 13.58 -34.41
N VAL B 158 -3.75 13.35 -35.28
CA VAL B 158 -3.70 13.89 -36.64
C VAL B 158 -3.75 15.40 -36.57
N LEU B 159 -4.69 15.92 -35.79
CA LEU B 159 -4.86 17.34 -35.57
C LEU B 159 -3.56 18.03 -35.04
N ALA B 160 -2.85 17.40 -34.09
CA ALA B 160 -1.59 17.97 -33.59
C ALA B 160 -0.48 17.89 -34.67
N ILE B 161 -0.45 16.82 -35.49
CA ILE B 161 0.56 16.68 -36.53
C ILE B 161 0.32 17.73 -37.59
N LEU B 162 -0.93 17.92 -38.02
CA LEU B 162 -1.26 18.97 -38.99
C LEU B 162 -0.75 20.36 -38.51
N GLU B 163 -0.83 20.60 -37.19
CA GLU B 163 -0.35 21.80 -36.54
C GLU B 163 1.20 21.87 -36.61
N LEU B 164 1.88 20.77 -36.28
CA LEU B 164 3.34 20.72 -36.35
C LEU B 164 3.84 20.94 -37.82
N LEU B 165 3.08 20.41 -38.80
CA LEU B 165 3.41 20.54 -40.22
C LEU B 165 3.45 22.00 -40.71
N LYS B 166 2.92 22.96 -39.93
CA LYS B 166 2.99 24.37 -40.31
C LYS B 166 4.44 24.90 -40.15
N TYR B 167 5.21 24.34 -39.20
CA TYR B 167 6.58 24.76 -38.97
C TYR B 167 7.62 23.71 -39.30
N HIS B 168 7.21 22.44 -39.40
CA HIS B 168 8.15 21.36 -39.67
C HIS B 168 7.85 20.70 -40.96
N GLN B 169 8.83 20.69 -41.86
CA GLN B 169 8.72 20.08 -43.18
C GLN B 169 8.54 18.53 -43.09
N ARG B 170 9.19 17.89 -42.10
CA ARG B 170 9.07 16.45 -41.87
C ARG B 170 8.77 16.11 -40.39
N VAL B 171 7.71 15.33 -40.11
CA VAL B 171 7.33 14.97 -38.74
C VAL B 171 7.37 13.45 -38.55
N LEU B 172 7.97 12.98 -37.45
CA LEU B 172 8.06 11.55 -37.17
C LEU B 172 7.03 11.15 -36.12
N TYR B 173 6.19 10.15 -36.45
CA TYR B 173 5.19 9.63 -35.53
C TYR B 173 5.64 8.22 -35.08
N ILE B 174 5.59 7.93 -33.77
CA ILE B 174 6.00 6.63 -33.22
C ILE B 174 4.91 6.19 -32.31
N ASP B 175 4.40 4.96 -32.49
CA ASP B 175 3.28 4.40 -31.76
C ASP B 175 3.72 3.10 -31.01
N ILE B 176 3.56 3.07 -29.67
CA ILE B 176 3.92 1.87 -28.87
C ILE B 176 2.74 1.24 -28.13
N ASP B 177 1.52 1.62 -28.51
CA ASP B 177 0.27 1.04 -28.05
C ASP B 177 0.26 -0.37 -28.67
N ILE B 178 -0.36 -1.36 -27.99
CA ILE B 178 -0.42 -2.73 -28.54
C ILE B 178 -1.19 -2.81 -29.90
N HIS B 179 -2.00 -1.79 -30.21
CA HIS B 179 -2.78 -1.78 -31.43
C HIS B 179 -2.14 -0.90 -32.49
N HIS B 180 -2.43 -1.21 -33.74
CA HIS B 180 -1.92 -0.45 -34.85
C HIS B 180 -2.57 0.93 -34.83
N GLY B 181 -1.75 1.99 -35.00
CA GLY B 181 -2.20 3.37 -35.05
C GLY B 181 -2.75 3.61 -36.42
N ASP B 182 -3.88 2.97 -36.71
CA ASP B 182 -4.48 2.99 -38.05
C ASP B 182 -4.97 4.37 -38.52
N GLY B 183 -5.63 5.16 -37.66
CA GLY B 183 -6.11 6.48 -38.03
C GLY B 183 -5.01 7.46 -38.36
N VAL B 184 -3.86 7.36 -37.68
CA VAL B 184 -2.74 8.26 -37.95
C VAL B 184 -2.06 7.82 -39.23
N GLU B 185 -1.86 6.50 -39.40
CA GLU B 185 -1.23 5.98 -40.60
C GLU B 185 -2.07 6.30 -41.83
N GLU B 186 -3.40 6.09 -41.73
CA GLU B 186 -4.31 6.33 -42.83
C GLU B 186 -4.36 7.77 -43.22
N ALA B 187 -4.32 8.70 -42.25
CA ALA B 187 -4.38 10.14 -42.59
C ALA B 187 -3.18 10.61 -43.37
N PHE B 188 -2.00 10.03 -43.14
CA PHE B 188 -0.80 10.48 -43.85
C PHE B 188 -0.18 9.39 -44.74
N TYR B 189 -0.97 8.37 -45.14
CA TYR B 189 -0.47 7.24 -45.94
C TYR B 189 0.07 7.63 -47.30
N THR B 190 -0.34 8.78 -47.84
CA THR B 190 0.12 9.18 -49.16
C THR B 190 1.01 10.40 -49.13
N THR B 191 1.72 10.64 -48.00
CA THR B 191 2.66 11.75 -47.91
C THR B 191 3.97 11.34 -47.30
N ASP B 192 5.03 12.03 -47.72
CA ASP B 192 6.38 11.85 -47.18
C ASP B 192 6.69 12.92 -46.11
N ARG B 193 5.73 13.77 -45.76
CA ARG B 193 5.91 14.79 -44.75
C ARG B 193 5.67 14.25 -43.33
N VAL B 194 5.10 13.04 -43.21
CA VAL B 194 4.89 12.41 -41.94
C VAL B 194 5.23 10.94 -42.13
N MET B 195 6.22 10.44 -41.39
CA MET B 195 6.56 9.03 -41.41
C MET B 195 5.92 8.47 -40.16
N THR B 196 5.16 7.38 -40.29
CA THR B 196 4.50 6.77 -39.14
C THR B 196 5.17 5.43 -38.82
N VAL B 197 5.57 5.22 -37.57
CA VAL B 197 6.19 3.97 -37.16
C VAL B 197 5.30 3.38 -36.07
N SER B 198 4.82 2.16 -36.25
CA SER B 198 3.93 1.51 -35.30
C SER B 198 4.36 0.08 -34.96
N PHE B 199 4.49 -0.23 -33.65
CA PHE B 199 4.85 -1.55 -33.14
C PHE B 199 3.59 -2.06 -32.47
N HIS B 200 3.06 -3.19 -32.92
CA HIS B 200 1.76 -3.69 -32.41
C HIS B 200 1.58 -5.22 -32.61
N LYS B 201 0.58 -5.80 -31.93
CA LYS B 201 0.28 -7.22 -32.11
C LYS B 201 -0.47 -7.33 -33.44
N TYR B 202 -0.08 -8.28 -34.29
CA TYR B 202 -0.68 -8.44 -35.61
C TYR B 202 -1.07 -9.89 -35.87
N GLY B 203 -2.12 -10.08 -36.65
CA GLY B 203 -2.56 -11.41 -37.01
C GLY B 203 -3.85 -11.89 -36.39
N GLU B 204 -4.46 -12.89 -37.04
CA GLU B 204 -5.71 -13.54 -36.65
C GLU B 204 -6.78 -12.55 -36.25
N TYR B 205 -7.02 -11.59 -37.14
CA TYR B 205 -8.01 -10.54 -37.02
C TYR B 205 -7.97 -9.77 -35.68
N TYR B 206 -6.77 -9.58 -35.12
CA TYR B 206 -6.59 -8.80 -33.88
C TYR B 206 -6.85 -7.35 -34.26
N PHE B 207 -7.57 -6.60 -33.41
CA PHE B 207 -7.94 -5.21 -33.66
C PHE B 207 -6.73 -4.26 -33.93
N PRO B 208 -6.81 -3.38 -34.94
CA PRO B 208 -7.90 -3.18 -35.89
C PRO B 208 -7.84 -4.03 -37.16
N GLY B 209 -6.89 -4.95 -37.24
CA GLY B 209 -6.75 -5.83 -38.40
C GLY B 209 -5.80 -5.31 -39.47
N THR B 210 -5.30 -4.08 -39.32
CA THR B 210 -4.37 -3.50 -40.29
C THR B 210 -2.93 -3.50 -39.72
N GLY B 211 -1.98 -2.83 -40.39
CA GLY B 211 -0.61 -2.77 -39.89
C GLY B 211 0.25 -3.94 -40.27
N ASP B 212 0.10 -4.44 -41.50
CA ASP B 212 0.91 -5.55 -41.98
C ASP B 212 2.30 -4.97 -42.31
N LEU B 213 3.36 -5.80 -42.19
CA LEU B 213 4.74 -5.42 -42.52
C LEU B 213 4.84 -4.86 -43.98
N ARG B 214 3.97 -5.38 -44.88
CA ARG B 214 3.90 -5.01 -46.28
C ARG B 214 3.17 -3.69 -46.54
N ASP B 215 2.45 -3.16 -45.55
CA ASP B 215 1.78 -1.87 -45.71
C ASP B 215 2.86 -0.84 -45.47
N ILE B 216 3.42 -0.29 -46.57
CA ILE B 216 4.53 0.65 -46.45
C ILE B 216 4.27 2.05 -47.01
N GLY B 217 3.05 2.31 -47.44
CA GLY B 217 2.71 3.62 -48.01
C GLY B 217 2.25 3.53 -49.44
N ALA B 218 1.77 4.65 -49.97
CA ALA B 218 1.29 4.72 -51.34
C ALA B 218 1.67 6.05 -51.94
N GLY B 219 1.99 6.03 -53.23
CA GLY B 219 2.34 7.22 -54.00
C GLY B 219 3.54 7.95 -53.46
N LYS B 220 3.36 9.25 -53.14
CA LYS B 220 4.45 10.04 -52.57
C LYS B 220 4.86 9.51 -51.17
N GLY B 221 3.94 8.85 -50.49
CA GLY B 221 4.19 8.31 -49.16
C GLY B 221 4.72 6.90 -49.13
N LYS B 222 5.13 6.35 -50.29
CA LYS B 222 5.66 5.00 -50.36
C LYS B 222 7.00 5.00 -49.64
N TYR B 223 7.13 4.12 -48.61
CA TYR B 223 8.26 3.95 -47.72
C TYR B 223 8.18 4.90 -46.49
N TYR B 224 7.05 5.62 -46.29
CA TYR B 224 6.92 6.53 -45.14
C TYR B 224 5.87 6.04 -44.12
N ALA B 225 5.65 4.74 -44.12
CA ALA B 225 4.78 4.03 -43.20
C ALA B 225 5.65 2.81 -42.91
N VAL B 226 5.94 2.60 -41.62
CA VAL B 226 6.76 1.50 -41.10
C VAL B 226 5.91 0.74 -40.10
N ASN B 227 5.85 -0.59 -40.24
CA ASN B 227 5.03 -1.40 -39.33
C ASN B 227 5.77 -2.59 -38.78
N PHE B 228 5.79 -2.74 -37.45
CA PHE B 228 6.45 -3.89 -36.86
C PHE B 228 5.42 -4.81 -36.26
N PRO B 229 5.05 -5.87 -36.99
CA PRO B 229 4.06 -6.81 -36.48
C PRO B 229 4.65 -7.80 -35.46
N MET B 230 4.11 -7.80 -34.25
N MET B 230 4.11 -7.80 -34.25
CA MET B 230 4.58 -8.65 -33.17
CA MET B 230 4.59 -8.65 -33.16
C MET B 230 3.54 -9.69 -32.75
C MET B 230 3.54 -9.67 -32.73
N ARG B 231 3.95 -10.65 -31.91
CA ARG B 231 3.10 -11.71 -31.38
C ARG B 231 3.00 -11.63 -29.84
N ASP B 232 2.18 -12.47 -29.19
CA ASP B 232 1.99 -12.48 -27.75
C ASP B 232 3.26 -12.67 -26.94
N GLY B 233 3.34 -11.99 -25.79
CA GLY B 233 4.42 -12.12 -24.82
C GLY B 233 5.74 -11.43 -24.98
N ILE B 234 5.86 -10.44 -25.89
N ILE B 234 5.86 -10.45 -25.89
CA ILE B 234 7.15 -9.74 -26.09
CA ILE B 234 7.14 -9.76 -26.09
C ILE B 234 7.61 -9.08 -24.79
C ILE B 234 7.61 -9.08 -24.79
N ASP B 235 8.88 -9.27 -24.42
CA ASP B 235 9.43 -8.72 -23.20
C ASP B 235 10.29 -7.45 -23.40
N ASP B 236 10.82 -6.88 -22.32
CA ASP B 236 11.65 -5.69 -22.37
C ASP B 236 12.93 -5.85 -23.21
N GLU B 237 13.62 -7.01 -23.10
CA GLU B 237 14.85 -7.20 -23.84
C GLU B 237 14.54 -7.29 -25.32
N SER B 238 13.59 -8.17 -25.72
CA SER B 238 13.17 -8.33 -27.11
C SER B 238 12.73 -6.99 -27.72
N TYR B 239 11.82 -6.25 -27.03
CA TYR B 239 11.30 -4.95 -27.46
C TYR B 239 12.45 -3.94 -27.57
N GLY B 240 13.27 -3.86 -26.54
CA GLY B 240 14.39 -2.95 -26.48
C GLY B 240 15.36 -3.12 -27.63
N GLN B 241 15.69 -4.38 -27.94
CA GLN B 241 16.58 -4.75 -29.04
C GLN B 241 16.00 -4.51 -30.44
N ILE B 242 14.71 -4.16 -30.53
CA ILE B 242 14.06 -3.92 -31.81
C ILE B 242 13.85 -2.42 -32.01
N PHE B 243 13.39 -1.73 -30.95
CA PHE B 243 13.08 -0.31 -30.94
C PHE B 243 14.31 0.61 -31.17
N LYS B 244 15.43 0.36 -30.46
CA LYS B 244 16.60 1.21 -30.64
C LYS B 244 17.15 1.15 -32.06
N PRO B 245 17.40 -0.04 -32.65
CA PRO B 245 17.92 -0.09 -34.02
C PRO B 245 16.97 0.52 -35.05
N ILE B 246 15.65 0.22 -34.94
CA ILE B 246 14.62 0.71 -35.84
C ILE B 246 14.50 2.23 -35.81
N ILE B 247 14.38 2.85 -34.60
CA ILE B 247 14.23 4.29 -34.47
C ILE B 247 15.48 5.01 -34.89
N SER B 248 16.64 4.48 -34.51
CA SER B 248 17.94 5.08 -34.89
C SER B 248 18.12 5.13 -36.40
N LYS B 249 17.64 4.09 -37.11
CA LYS B 249 17.74 4.04 -38.56
C LYS B 249 16.76 5.01 -39.21
N VAL B 250 15.56 5.13 -38.63
CA VAL B 250 14.52 6.05 -39.10
C VAL B 250 15.03 7.49 -38.97
N MET B 251 15.63 7.83 -37.83
CA MET B 251 16.16 9.17 -37.59
C MET B 251 17.23 9.51 -38.62
N GLU B 252 18.12 8.50 -38.90
CA GLU B 252 19.23 8.63 -39.84
C GLU B 252 18.76 8.92 -41.26
N MET B 253 17.85 8.12 -41.78
CA MET B 253 17.34 8.27 -43.12
C MET B 253 16.34 9.40 -43.31
N TYR B 254 15.31 9.48 -42.45
CA TYR B 254 14.24 10.45 -42.55
C TYR B 254 14.58 11.85 -42.06
N GLN B 255 15.40 11.96 -40.99
CA GLN B 255 15.79 13.25 -40.41
C GLN B 255 14.59 14.17 -40.11
N PRO B 256 13.75 13.77 -39.14
CA PRO B 256 12.60 14.61 -38.81
C PRO B 256 13.00 15.79 -37.94
N SER B 257 12.18 16.83 -37.93
CA SER B 257 12.47 17.99 -37.08
C SER B 257 11.59 18.06 -35.85
N ALA B 258 10.56 17.23 -35.76
CA ALA B 258 9.65 17.14 -34.62
C ALA B 258 9.18 15.68 -34.51
N VAL B 259 8.88 15.26 -33.30
CA VAL B 259 8.47 13.86 -33.05
C VAL B 259 7.20 13.82 -32.21
N VAL B 260 6.27 12.91 -32.56
CA VAL B 260 5.05 12.70 -31.79
C VAL B 260 5.14 11.24 -31.35
N LEU B 261 5.11 10.99 -30.05
CA LEU B 261 5.21 9.64 -29.51
C LEU B 261 3.92 9.29 -28.73
N GLN B 262 3.19 8.30 -29.20
CA GLN B 262 1.97 7.83 -28.53
C GLN B 262 2.48 6.76 -27.52
N CYS B 263 2.04 6.82 -26.24
CA CYS B 263 2.53 5.88 -25.22
C CYS B 263 1.45 4.98 -24.65
N GLY B 264 0.65 4.37 -25.52
CA GLY B 264 -0.43 3.46 -25.14
C GLY B 264 0.05 2.39 -24.19
N ALA B 265 -0.51 2.35 -22.98
CA ALA B 265 -0.07 1.43 -21.94
C ALA B 265 -0.65 0.02 -22.03
N ASP B 266 -1.43 -0.28 -23.09
CA ASP B 266 -2.00 -1.63 -23.26
C ASP B 266 -0.95 -2.67 -23.70
N SER B 267 0.29 -2.23 -23.99
CA SER B 267 1.41 -3.12 -24.30
C SER B 267 2.14 -3.58 -23.00
N LEU B 268 1.66 -3.15 -21.80
CA LEU B 268 2.24 -3.56 -20.51
C LEU B 268 1.71 -4.91 -20.09
N SER B 269 2.53 -5.64 -19.38
CA SER B 269 2.26 -6.93 -18.80
C SER B 269 1.04 -6.88 -17.88
N GLY B 270 0.04 -7.71 -18.18
CA GLY B 270 -1.14 -7.78 -17.35
C GLY B 270 -2.27 -6.85 -17.73
N ASP B 271 -2.23 -6.33 -18.95
CA ASP B 271 -3.29 -5.44 -19.41
C ASP B 271 -4.48 -6.32 -19.77
N ARG B 272 -5.72 -5.93 -19.39
CA ARG B 272 -6.88 -6.75 -19.70
C ARG B 272 -7.06 -6.94 -21.22
N LEU B 273 -6.94 -5.85 -21.99
N LEU B 273 -6.94 -5.84 -21.98
CA LEU B 273 -7.09 -5.92 -23.44
CA LEU B 273 -7.07 -5.82 -23.44
C LEU B 273 -5.79 -6.23 -24.20
C LEU B 273 -5.76 -6.09 -24.19
N GLY B 274 -4.70 -6.46 -23.48
CA GLY B 274 -3.41 -6.73 -24.10
C GLY B 274 -2.83 -8.11 -23.82
N CYS B 275 -1.81 -8.47 -24.59
CA CYS B 275 -1.15 -9.75 -24.49
C CYS B 275 0.38 -9.66 -24.68
N PHE B 276 1.00 -8.53 -24.29
CA PHE B 276 2.45 -8.29 -24.34
C PHE B 276 2.99 -8.44 -22.89
N ASN B 277 4.32 -8.50 -22.71
CA ASN B 277 4.88 -8.68 -21.36
C ASN B 277 5.87 -7.58 -20.99
N LEU B 278 5.53 -6.31 -21.29
CA LEU B 278 6.43 -5.19 -20.97
C LEU B 278 6.27 -4.69 -19.54
N THR B 279 7.33 -4.19 -18.96
CA THR B 279 7.27 -3.59 -17.63
C THR B 279 7.22 -2.06 -17.86
N VAL B 280 7.02 -1.27 -16.80
CA VAL B 280 7.02 0.18 -16.93
C VAL B 280 8.42 0.65 -17.42
N LYS B 281 9.50 0.01 -16.94
CA LYS B 281 10.85 0.34 -17.37
C LYS B 281 11.09 0.07 -18.88
N GLY B 282 10.56 -1.04 -19.39
CA GLY B 282 10.70 -1.40 -20.81
C GLY B 282 9.89 -0.51 -21.72
N HIS B 283 8.68 -0.16 -21.27
CA HIS B 283 7.80 0.72 -22.04
C HIS B 283 8.43 2.13 -22.03
N ALA B 284 8.92 2.61 -20.87
CA ALA B 284 9.55 3.93 -20.73
C ALA B 284 10.86 4.09 -21.41
N LYS B 285 11.59 2.97 -21.61
CA LYS B 285 12.86 2.92 -22.32
C LYS B 285 12.70 3.53 -23.74
N CYS B 286 11.48 3.47 -24.32
CA CYS B 286 11.14 4.05 -25.61
C CYS B 286 11.20 5.55 -25.55
N VAL B 287 10.72 6.15 -24.46
CA VAL B 287 10.79 7.60 -24.25
C VAL B 287 12.27 8.01 -24.14
N GLU B 288 13.08 7.24 -23.39
CA GLU B 288 14.51 7.56 -23.26
C GLU B 288 15.21 7.61 -24.61
N VAL B 289 14.93 6.63 -25.48
CA VAL B 289 15.52 6.57 -26.81
C VAL B 289 15.15 7.78 -27.63
N VAL B 290 13.85 8.08 -27.72
CA VAL B 290 13.38 9.22 -28.49
C VAL B 290 13.96 10.54 -27.97
N LYS B 291 14.16 10.66 -26.64
CA LYS B 291 14.75 11.89 -26.09
C LYS B 291 16.18 12.15 -26.55
N THR B 292 17.01 11.10 -26.68
CA THR B 292 18.42 11.24 -27.07
C THR B 292 18.63 11.98 -28.41
N PHE B 293 17.59 12.12 -29.25
CA PHE B 293 17.72 12.81 -30.53
C PHE B 293 17.57 14.33 -30.44
N ASN B 294 17.28 14.88 -29.24
CA ASN B 294 17.15 16.30 -28.95
C ASN B 294 16.29 17.03 -29.94
N LEU B 295 15.11 16.45 -30.21
CA LEU B 295 14.14 17.00 -31.13
C LEU B 295 12.88 17.36 -30.38
N PRO B 296 12.16 18.42 -30.81
CA PRO B 296 10.87 18.77 -30.16
C PRO B 296 9.95 17.54 -30.09
N LEU B 297 9.50 17.19 -28.88
CA LEU B 297 8.74 15.98 -28.69
C LEU B 297 7.38 16.19 -28.08
N LEU B 298 6.32 15.61 -28.72
CA LEU B 298 4.97 15.67 -28.16
C LEU B 298 4.62 14.26 -27.65
N MET B 299 4.45 14.10 -26.31
CA MET B 299 4.12 12.81 -25.70
C MET B 299 2.65 12.66 -25.43
N LEU B 300 2.03 11.64 -26.02
CA LEU B 300 0.59 11.45 -25.80
C LEU B 300 0.23 10.14 -25.09
N GLY B 301 -1.00 10.07 -24.59
CA GLY B 301 -1.51 8.87 -23.95
C GLY B 301 -1.86 7.81 -24.99
N GLY B 302 -3.00 7.16 -24.82
CA GLY B 302 -3.44 6.11 -25.72
C GLY B 302 -4.12 5.00 -24.94
N GLY B 303 -3.92 3.75 -25.33
CA GLY B 303 -4.54 2.62 -24.64
C GLY B 303 -4.19 2.35 -23.19
N GLY B 304 -4.80 1.30 -22.63
CA GLY B 304 -4.63 0.85 -21.26
C GLY B 304 -5.91 0.54 -20.46
N TYR B 305 -6.20 -0.77 -20.19
CA TYR B 305 -7.38 -1.16 -19.39
C TYR B 305 -7.01 -1.34 -17.90
N THR B 306 -5.83 -1.91 -17.54
CA THR B 306 -5.47 -2.05 -16.10
C THR B 306 -5.00 -0.68 -15.59
N ILE B 307 -5.96 0.16 -15.21
CA ILE B 307 -5.79 1.55 -14.81
C ILE B 307 -4.69 1.77 -13.76
N ARG B 308 -4.49 0.83 -12.81
CA ARG B 308 -3.42 0.99 -11.83
C ARG B 308 -2.04 1.06 -12.51
N ASN B 309 -1.84 0.23 -13.56
CA ASN B 309 -0.58 0.18 -14.31
C ASN B 309 -0.41 1.35 -15.28
N VAL B 310 -1.51 1.89 -15.79
CA VAL B 310 -1.47 3.05 -16.66
C VAL B 310 -0.97 4.27 -15.90
N ALA B 311 -1.38 4.41 -14.64
CA ALA B 311 -0.96 5.51 -13.78
C ALA B 311 0.51 5.34 -13.44
N ARG B 312 0.97 4.11 -13.15
CA ARG B 312 2.38 3.88 -12.85
C ARG B 312 3.22 4.24 -14.06
N CYS B 313 2.78 3.76 -15.27
CA CYS B 313 3.45 3.97 -16.55
C CYS B 313 3.68 5.42 -16.92
N TRP B 314 2.60 6.20 -16.98
CA TRP B 314 2.65 7.60 -17.41
C TRP B 314 3.27 8.51 -16.41
N THR B 315 3.19 8.16 -15.11
CA THR B 315 3.84 8.90 -14.04
C THR B 315 5.35 8.76 -14.25
N TYR B 316 5.82 7.51 -14.43
CA TYR B 316 7.22 7.25 -14.64
C TYR B 316 7.70 7.87 -15.94
N GLU B 317 6.86 7.85 -16.99
CA GLU B 317 7.25 8.48 -18.26
C GLU B 317 7.41 9.96 -18.14
N THR B 318 6.61 10.60 -17.26
CA THR B 318 6.70 12.02 -17.00
C THR B 318 8.04 12.30 -16.30
N ALA B 319 8.45 11.41 -15.37
CA ALA B 319 9.71 11.53 -14.67
C ALA B 319 10.86 11.41 -15.65
N VAL B 320 10.76 10.49 -16.61
CA VAL B 320 11.76 10.32 -17.65
C VAL B 320 11.81 11.59 -18.53
N ALA B 321 10.65 12.14 -18.90
CA ALA B 321 10.59 13.36 -19.72
C ALA B 321 11.33 14.52 -19.05
N LEU B 322 11.25 14.57 -17.71
CA LEU B 322 11.88 15.60 -16.87
C LEU B 322 13.31 15.28 -16.45
N ASP B 323 13.89 14.18 -16.93
CA ASP B 323 15.24 13.74 -16.56
C ASP B 323 15.44 13.61 -15.02
N CYS B 324 14.44 13.04 -14.34
N CYS B 324 14.40 13.09 -14.33
CA CYS B 324 14.54 12.86 -12.90
CA CYS B 324 14.36 12.97 -12.87
C CYS B 324 14.08 11.48 -12.50
C CYS B 324 13.97 11.56 -12.42
N GLU B 325 14.73 10.91 -11.51
CA GLU B 325 14.37 9.58 -11.05
C GLU B 325 13.45 9.69 -9.87
N ILE B 326 12.40 8.89 -9.87
CA ILE B 326 11.45 8.88 -8.75
C ILE B 326 11.60 7.54 -8.03
N PRO B 327 11.38 7.51 -6.72
CA PRO B 327 11.51 6.23 -5.99
C PRO B 327 10.39 5.21 -6.29
N ASN B 328 10.73 3.94 -6.21
CA ASN B 328 9.80 2.85 -6.38
C ASN B 328 8.68 2.86 -5.30
N GLU B 329 8.98 3.34 -4.08
CA GLU B 329 8.02 3.44 -2.99
C GLU B 329 6.99 4.50 -3.36
N LEU B 330 5.75 4.09 -3.71
CA LEU B 330 4.73 5.07 -4.10
C LEU B 330 4.40 6.01 -2.96
N PRO B 331 4.26 7.30 -3.26
CA PRO B 331 3.82 8.24 -2.21
C PRO B 331 2.37 7.97 -1.81
N TYR B 332 1.96 8.43 -0.62
CA TYR B 332 0.56 8.29 -0.24
C TYR B 332 -0.25 9.22 -1.20
N ASN B 333 -1.39 8.74 -1.72
CA ASN B 333 -2.16 9.56 -2.66
C ASN B 333 -3.68 9.25 -2.58
N ASP B 334 -4.50 10.00 -3.33
CA ASP B 334 -5.96 9.83 -3.32
C ASP B 334 -6.47 8.44 -3.68
N TYR B 335 -5.67 7.66 -4.41
CA TYR B 335 -6.04 6.32 -4.89
C TYR B 335 -4.99 5.31 -4.47
N PHE B 336 -4.44 5.47 -3.27
CA PHE B 336 -3.41 4.57 -2.77
C PHE B 336 -3.82 3.08 -2.80
N GLU B 337 -5.02 2.74 -2.28
CA GLU B 337 -5.53 1.36 -2.21
C GLU B 337 -5.54 0.65 -3.58
N TYR B 338 -5.59 1.42 -4.69
CA TYR B 338 -5.57 0.88 -6.05
C TYR B 338 -4.24 0.21 -6.41
N PHE B 339 -3.15 0.56 -5.71
CA PHE B 339 -1.82 0.05 -6.05
C PHE B 339 -1.33 -1.13 -5.21
N GLY B 340 -2.24 -1.77 -4.50
CA GLY B 340 -1.88 -2.93 -3.70
C GLY B 340 -1.62 -4.13 -4.59
N PRO B 341 -1.02 -5.22 -4.06
CA PRO B 341 -0.59 -5.45 -2.67
C PRO B 341 0.79 -4.91 -2.33
N ASP B 342 1.59 -4.60 -3.34
CA ASP B 342 2.96 -4.12 -3.24
C ASP B 342 3.12 -2.62 -2.92
N PHE B 343 2.32 -1.75 -3.56
CA PHE B 343 2.40 -0.30 -3.40
C PHE B 343 3.70 0.27 -3.98
N LYS B 344 4.22 -0.36 -5.04
CA LYS B 344 5.43 0.05 -5.78
C LYS B 344 5.07 0.57 -7.17
N LEU B 345 5.87 1.49 -7.70
CA LEU B 345 5.71 2.08 -9.00
C LEU B 345 5.95 1.06 -10.15
N HIS B 346 6.99 0.23 -10.01
CA HIS B 346 7.36 -0.70 -11.04
C HIS B 346 6.65 -2.03 -10.94
N ILE B 347 6.38 -2.62 -12.11
CA ILE B 347 5.69 -3.88 -12.17
C ILE B 347 6.59 -5.01 -12.62
N SER B 348 6.23 -6.23 -12.25
CA SER B 348 7.01 -7.40 -12.65
C SER B 348 6.38 -8.10 -13.87
N PRO B 349 7.20 -8.64 -14.77
CA PRO B 349 6.64 -9.38 -15.93
C PRO B 349 6.04 -10.72 -15.51
N SER B 350 5.09 -11.26 -16.32
CA SER B 350 4.48 -12.57 -16.01
C SER B 350 5.32 -13.69 -16.59
N ASN B 351 4.98 -14.94 -16.27
CA ASN B 351 5.68 -16.08 -16.85
C ASN B 351 5.17 -16.45 -18.27
N MET B 352 4.35 -15.56 -18.91
CA MET B 352 3.83 -15.76 -20.24
C MET B 352 4.94 -15.95 -21.26
N THR B 353 4.72 -16.84 -22.23
CA THR B 353 5.69 -17.15 -23.26
C THR B 353 5.81 -16.06 -24.28
N ASN B 354 7.07 -15.65 -24.54
CA ASN B 354 7.31 -14.67 -25.57
C ASN B 354 7.27 -15.46 -26.87
N GLN B 355 6.23 -15.28 -27.66
CA GLN B 355 6.10 -16.02 -28.92
C GLN B 355 6.92 -15.48 -30.06
N ASN B 356 7.68 -14.40 -29.83
CA ASN B 356 8.51 -13.75 -30.83
C ASN B 356 9.90 -14.29 -30.71
N THR B 357 10.24 -15.25 -31.54
CA THR B 357 11.58 -15.85 -31.50
C THR B 357 12.63 -14.80 -31.90
N PRO B 358 13.89 -14.96 -31.44
CA PRO B 358 14.94 -14.01 -31.83
C PRO B 358 15.09 -13.91 -33.34
N GLU B 359 14.93 -15.03 -34.05
CA GLU B 359 15.06 -15.09 -35.48
C GLU B 359 13.90 -14.38 -36.18
N TYR B 360 12.68 -14.46 -35.59
CA TYR B 360 11.50 -13.77 -36.11
C TYR B 360 11.76 -12.27 -36.03
N MET B 361 12.24 -11.79 -34.85
N MET B 361 12.24 -11.79 -34.84
CA MET B 361 12.53 -10.39 -34.60
CA MET B 361 12.56 -10.41 -34.54
C MET B 361 13.56 -9.83 -35.56
C MET B 361 13.55 -9.84 -35.54
N GLU B 362 14.67 -10.55 -35.78
CA GLU B 362 15.72 -10.08 -36.69
C GLU B 362 15.31 -10.14 -38.17
N LYS B 363 14.46 -11.12 -38.51
CA LYS B 363 13.98 -11.26 -39.88
C LYS B 363 13.09 -10.05 -40.23
N ILE B 364 12.14 -9.71 -39.33
CA ILE B 364 11.27 -8.55 -39.56
C ILE B 364 12.05 -7.24 -39.55
N LYS B 365 13.06 -7.14 -38.67
CA LYS B 365 13.88 -5.95 -38.55
C LYS B 365 14.71 -5.74 -39.82
N GLN B 366 15.24 -6.82 -40.40
CA GLN B 366 16.03 -6.71 -41.63
C GLN B 366 15.15 -6.32 -42.81
N ARG B 367 13.86 -6.73 -42.82
CA ARG B 367 12.95 -6.34 -43.88
C ARG B 367 12.67 -4.85 -43.77
N LEU B 368 12.48 -4.34 -42.54
CA LEU B 368 12.25 -2.92 -42.32
C LEU B 368 13.45 -2.10 -42.75
N PHE B 369 14.66 -2.59 -42.46
N PHE B 369 14.66 -2.59 -42.46
CA PHE B 369 15.88 -1.89 -42.84
CA PHE B 369 15.89 -1.90 -42.84
C PHE B 369 16.02 -1.83 -44.36
C PHE B 369 16.02 -1.84 -44.36
N GLU B 370 15.62 -2.91 -45.07
CA GLU B 370 15.69 -2.95 -46.53
C GLU B 370 14.79 -1.86 -47.12
N ASN B 371 13.59 -1.72 -46.55
CA ASN B 371 12.61 -0.72 -46.95
C ASN B 371 13.14 0.69 -46.66
N LEU B 372 13.73 0.90 -45.47
CA LEU B 372 14.28 2.20 -45.07
C LEU B 372 15.39 2.66 -45.98
N ARG B 373 16.16 1.70 -46.51
CA ARG B 373 17.24 1.97 -47.43
C ARG B 373 16.75 2.56 -48.76
N MET B 374 15.45 2.45 -49.07
CA MET B 374 14.81 3.00 -50.28
C MET B 374 14.43 4.48 -50.15
N LEU B 375 14.86 5.17 -49.10
CA LEU B 375 14.56 6.58 -48.88
C LEU B 375 15.49 7.46 -49.76
N LYS C 9 19.70 -38.76 -8.29
CA LYS C 9 18.49 -38.74 -9.11
C LYS C 9 17.74 -37.39 -9.10
N LYS C 10 18.08 -36.50 -8.16
CA LYS C 10 17.46 -35.17 -8.03
C LYS C 10 18.56 -34.10 -8.11
N LYS C 11 18.43 -33.14 -9.05
CA LYS C 11 19.42 -32.06 -9.27
C LYS C 11 19.52 -31.05 -8.14
N VAL C 12 20.77 -30.72 -7.74
CA VAL C 12 20.98 -29.75 -6.67
C VAL C 12 21.97 -28.68 -7.11
N CYS C 13 21.52 -27.41 -7.10
CA CYS C 13 22.34 -26.24 -7.42
C CYS C 13 22.68 -25.59 -6.10
N TYR C 14 23.96 -25.25 -5.90
CA TYR C 14 24.44 -24.67 -4.64
C TYR C 14 25.07 -23.30 -4.90
N TYR C 15 24.85 -22.34 -3.98
CA TYR C 15 25.37 -20.96 -4.13
C TYR C 15 26.39 -20.60 -3.08
N TYR C 16 27.52 -20.05 -3.52
CA TYR C 16 28.59 -19.63 -2.60
C TYR C 16 29.51 -18.60 -3.22
N ASP C 17 29.87 -17.58 -2.43
CA ASP C 17 30.82 -16.56 -2.82
C ASP C 17 31.93 -16.59 -1.77
N GLY C 18 33.16 -16.85 -2.20
CA GLY C 18 34.33 -16.94 -1.34
C GLY C 18 34.64 -15.75 -0.45
N ASP C 19 34.07 -14.57 -0.75
CA ASP C 19 34.31 -13.38 0.09
C ASP C 19 33.33 -13.28 1.28
N ILE C 20 32.29 -14.13 1.32
CA ILE C 20 31.26 -14.09 2.35
C ILE C 20 31.80 -14.27 3.77
N GLY C 21 32.84 -15.08 3.94
CA GLY C 21 33.44 -15.32 5.25
C GLY C 21 34.20 -14.13 5.80
N ASN C 22 34.66 -13.24 4.90
CA ASN C 22 35.40 -12.03 5.24
C ASN C 22 34.60 -10.94 5.90
N TYR C 23 33.25 -10.95 5.77
CA TYR C 23 32.44 -9.93 6.41
C TYR C 23 32.40 -10.15 7.91
N TYR C 24 32.66 -9.08 8.66
CA TYR C 24 32.77 -9.10 10.10
C TYR C 24 31.83 -8.10 10.74
N TYR C 25 30.98 -8.58 11.63
CA TYR C 25 30.00 -7.71 12.30
C TYR C 25 30.60 -6.84 13.39
N GLY C 26 31.71 -7.30 13.98
CA GLY C 26 32.35 -6.57 15.05
C GLY C 26 32.62 -7.45 16.26
N GLN C 27 33.51 -6.95 17.13
CA GLN C 27 33.97 -7.54 18.37
C GLN C 27 32.85 -8.12 19.24
N GLY C 28 32.75 -9.45 19.29
CA GLY C 28 31.75 -10.13 20.11
C GLY C 28 30.33 -10.32 19.61
N HIS C 29 30.01 -9.85 18.40
CA HIS C 29 28.66 -10.02 17.86
C HIS C 29 28.40 -11.50 17.54
N PRO C 30 27.17 -11.99 17.80
CA PRO C 30 26.88 -13.39 17.53
C PRO C 30 26.78 -13.81 16.06
N MET C 31 26.62 -12.86 15.11
CA MET C 31 26.56 -13.21 13.69
C MET C 31 28.00 -13.24 13.17
N LYS C 32 28.45 -14.44 12.83
CA LYS C 32 29.80 -14.69 12.35
C LYS C 32 29.77 -15.37 10.98
N PRO C 33 29.69 -14.57 9.88
CA PRO C 33 29.65 -15.14 8.50
C PRO C 33 30.72 -16.18 8.10
N HIS C 34 31.81 -16.29 8.86
CA HIS C 34 32.89 -17.25 8.64
C HIS C 34 32.35 -18.70 8.65
N ARG C 35 31.22 -18.96 9.36
CA ARG C 35 30.56 -20.27 9.45
C ARG C 35 30.10 -20.80 8.07
N ILE C 36 29.86 -19.89 7.11
N ILE C 36 29.85 -19.90 7.10
CA ILE C 36 29.45 -20.26 5.74
CA ILE C 36 29.45 -20.30 5.75
C ILE C 36 30.67 -20.86 5.04
C ILE C 36 30.68 -20.88 5.05
N ARG C 37 31.85 -20.20 5.18
CA ARG C 37 33.11 -20.64 4.61
C ARG C 37 33.51 -21.98 5.26
N MET C 38 33.29 -22.12 6.59
CA MET C 38 33.53 -23.37 7.31
C MET C 38 32.62 -24.48 6.72
N THR C 39 31.31 -24.22 6.62
CA THR C 39 30.33 -25.16 6.04
C THR C 39 30.80 -25.64 4.65
N HIS C 40 31.20 -24.68 3.82
CA HIS C 40 31.69 -24.91 2.47
C HIS C 40 32.92 -25.81 2.44
N ASN C 41 33.90 -25.54 3.31
CA ASN C 41 35.10 -26.35 3.37
C ASN C 41 34.76 -27.77 3.83
N LEU C 42 33.91 -27.92 4.86
CA LEU C 42 33.51 -29.26 5.31
C LEU C 42 32.78 -30.04 4.19
N LEU C 43 31.91 -29.35 3.41
CA LEU C 43 31.18 -29.93 2.27
C LEU C 43 32.14 -30.36 1.16
N LEU C 44 33.13 -29.49 0.87
CA LEU C 44 34.14 -29.73 -0.16
C LEU C 44 34.97 -30.96 0.20
N ASN C 45 35.44 -31.04 1.47
CA ASN C 45 36.24 -32.19 1.92
C ASN C 45 35.44 -33.50 2.08
N TYR C 46 34.10 -33.40 2.03
CA TYR C 46 33.24 -34.57 2.08
C TYR C 46 32.96 -35.11 0.63
N GLY C 47 33.39 -34.40 -0.41
CA GLY C 47 33.22 -34.76 -1.81
C GLY C 47 31.87 -34.44 -2.43
N LEU C 48 31.05 -33.64 -1.72
CA LEU C 48 29.72 -33.30 -2.21
C LEU C 48 29.70 -32.29 -3.37
N TYR C 49 30.85 -31.65 -3.67
CA TYR C 49 31.00 -30.72 -4.80
C TYR C 49 30.85 -31.48 -6.13
N ARG C 50 31.29 -32.75 -6.16
CA ARG C 50 31.21 -33.60 -7.34
C ARG C 50 29.76 -33.90 -7.68
N LYS C 51 28.90 -34.01 -6.68
CA LYS C 51 27.49 -34.34 -6.88
C LYS C 51 26.57 -33.13 -7.06
N MET C 52 27.09 -31.87 -7.05
CA MET C 52 26.21 -30.70 -7.21
C MET C 52 26.81 -29.52 -8.00
N GLU C 53 25.99 -28.84 -8.81
CA GLU C 53 26.46 -27.69 -9.58
C GLU C 53 26.66 -26.50 -8.64
N ILE C 54 27.91 -26.05 -8.47
CA ILE C 54 28.19 -24.92 -7.57
C ILE C 54 28.33 -23.59 -8.35
N TYR C 55 27.47 -22.61 -8.05
CA TYR C 55 27.48 -21.29 -8.71
C TYR C 55 27.83 -20.17 -7.76
N ARG C 56 28.47 -19.13 -8.29
CA ARG C 56 28.81 -17.96 -7.48
C ARG C 56 27.66 -16.99 -7.72
N PRO C 57 27.00 -16.52 -6.64
CA PRO C 57 25.86 -15.63 -6.82
C PRO C 57 26.20 -14.21 -7.26
N HIS C 58 25.45 -13.67 -8.25
CA HIS C 58 25.68 -12.30 -8.69
C HIS C 58 25.19 -11.36 -7.55
N LYS C 59 25.80 -10.17 -7.40
CA LYS C 59 25.38 -9.23 -6.36
C LYS C 59 23.99 -8.73 -6.72
N ALA C 60 23.00 -8.86 -5.81
CA ALA C 60 21.64 -8.40 -6.08
C ALA C 60 21.67 -6.89 -6.09
N THR C 61 21.02 -6.26 -7.09
CA THR C 61 21.04 -4.81 -7.19
C THR C 61 20.16 -4.12 -6.17
N ALA C 62 20.44 -2.85 -5.86
CA ALA C 62 19.64 -2.06 -4.94
C ALA C 62 18.19 -1.94 -5.46
N GLU C 63 18.01 -1.96 -6.79
CA GLU C 63 16.73 -1.92 -7.47
C GLU C 63 15.91 -3.17 -7.13
N GLU C 64 16.56 -4.33 -7.12
CA GLU C 64 15.93 -5.61 -6.79
C GLU C 64 15.45 -5.59 -5.35
N MET C 65 16.24 -5.03 -4.44
CA MET C 65 15.89 -4.94 -3.02
C MET C 65 14.70 -4.04 -2.77
N THR C 66 14.52 -3.00 -3.62
CA THR C 66 13.39 -2.06 -3.51
C THR C 66 12.07 -2.64 -4.02
N LYS C 67 12.05 -3.88 -4.50
CA LYS C 67 10.83 -4.60 -4.87
C LYS C 67 10.00 -4.92 -3.55
N TYR C 68 10.69 -5.00 -2.39
CA TYR C 68 10.05 -5.25 -1.13
C TYR C 68 10.39 -4.11 -0.14
N HIS C 69 11.67 -3.79 -0.01
CA HIS C 69 12.11 -2.72 0.90
C HIS C 69 11.88 -1.31 0.35
N SER C 70 11.95 -0.31 1.24
CA SER C 70 11.77 1.07 0.84
C SER C 70 13.03 1.65 0.25
N ASP C 71 12.87 2.64 -0.64
CA ASP C 71 14.00 3.30 -1.26
C ASP C 71 14.83 4.04 -0.22
N GLU C 72 14.19 4.80 0.69
CA GLU C 72 14.94 5.52 1.72
C GLU C 72 15.77 4.57 2.60
N TYR C 73 15.22 3.38 2.91
CA TYR C 73 15.90 2.36 3.72
C TYR C 73 17.06 1.74 2.96
N ILE C 74 16.86 1.42 1.66
CA ILE C 74 17.93 0.82 0.83
C ILE C 74 19.05 1.81 0.58
N LYS C 75 18.70 3.06 0.35
CA LYS C 75 19.64 4.14 0.12
C LYS C 75 20.50 4.37 1.37
N PHE C 76 19.90 4.19 2.59
CA PHE C 76 20.55 4.33 3.88
C PHE C 76 21.62 3.26 4.01
N LEU C 77 21.28 1.99 3.75
CA LEU C 77 22.21 0.88 3.83
C LEU C 77 23.41 1.09 2.89
N ARG C 78 23.13 1.55 1.68
CA ARG C 78 24.11 1.83 0.64
C ARG C 78 25.09 2.95 1.05
N SER C 79 24.61 3.96 1.81
CA SER C 79 25.38 5.14 2.24
C SER C 79 26.06 5.07 3.59
N ILE C 80 25.51 4.27 4.51
CA ILE C 80 26.04 4.19 5.87
C ILE C 80 27.42 3.49 5.97
N ARG C 81 28.36 4.23 6.53
CA ARG C 81 29.75 3.87 6.76
C ARG C 81 30.09 4.11 8.23
N PRO C 82 30.99 3.29 8.80
CA PRO C 82 31.38 3.51 10.21
C PRO C 82 31.96 4.91 10.46
N ASP C 83 32.49 5.53 9.41
CA ASP C 83 33.08 6.86 9.44
C ASP C 83 32.08 8.00 9.40
N ASN C 84 30.85 7.78 8.91
CA ASN C 84 29.85 8.87 8.82
C ASN C 84 28.62 8.69 9.70
N MET C 85 28.57 7.65 10.53
CA MET C 85 27.45 7.36 11.44
C MET C 85 26.88 8.59 12.18
N SER C 86 27.74 9.57 12.50
CA SER C 86 27.36 10.79 13.20
C SER C 86 26.29 11.62 12.46
N GLU C 87 26.31 11.59 11.11
CA GLU C 87 25.36 12.33 10.28
C GLU C 87 24.06 11.56 10.01
N TYR C 88 24.04 10.24 10.28
CA TYR C 88 22.88 9.39 10.05
C TYR C 88 22.30 8.91 11.38
N SER C 89 22.31 9.76 12.41
CA SER C 89 21.80 9.36 13.73
C SER C 89 20.29 9.22 13.73
N LYS C 90 19.58 10.10 13.01
CA LYS C 90 18.12 10.04 12.93
C LYS C 90 17.66 8.82 12.13
N GLN C 91 18.29 8.57 10.96
CA GLN C 91 17.98 7.41 10.12
C GLN C 91 18.37 6.10 10.78
N MET C 92 19.39 6.10 11.66
CA MET C 92 19.78 4.88 12.37
C MET C 92 18.63 4.46 13.31
N GLN C 93 18.03 5.45 13.99
CA GLN C 93 16.91 5.24 14.88
C GLN C 93 15.68 4.82 14.09
N ARG C 94 15.46 5.41 12.90
CA ARG C 94 14.33 5.10 12.06
C ARG C 94 14.41 3.67 11.47
N PHE C 95 15.59 3.30 10.98
CA PHE C 95 15.77 2.00 10.35
C PHE C 95 16.34 0.92 11.26
N ASN C 96 16.44 1.18 12.58
CA ASN C 96 16.91 0.28 13.63
C ASN C 96 18.33 -0.26 13.42
N VAL C 97 19.24 0.60 12.97
CA VAL C 97 20.61 0.21 12.74
C VAL C 97 21.44 0.76 13.88
N GLY C 98 22.25 -0.09 14.50
CA GLY C 98 23.09 0.32 15.61
C GLY C 98 23.62 -0.79 16.48
N GLU C 99 22.80 -1.28 17.41
CA GLU C 99 23.23 -2.34 18.34
C GLU C 99 23.12 -3.77 17.73
N ASP C 100 21.89 -4.33 17.66
CA ASP C 100 21.71 -5.67 17.12
C ASP C 100 22.14 -5.77 15.66
N CYS C 101 21.92 -4.69 14.90
CA CYS C 101 22.26 -4.63 13.49
C CYS C 101 23.26 -3.49 13.31
N PRO C 102 24.56 -3.76 13.56
CA PRO C 102 25.56 -2.69 13.46
C PRO C 102 26.00 -2.24 12.07
N VAL C 103 26.66 -1.08 12.03
CA VAL C 103 27.25 -0.53 10.82
C VAL C 103 28.65 -1.15 10.74
N PHE C 104 28.99 -1.77 9.59
CA PHE C 104 30.29 -2.38 9.43
C PHE C 104 30.78 -2.28 7.97
N ASP C 105 32.09 -2.52 7.75
CA ASP C 105 32.66 -2.44 6.41
C ASP C 105 32.10 -3.49 5.49
N GLY C 106 31.52 -3.05 4.39
CA GLY C 106 30.97 -3.96 3.39
C GLY C 106 29.59 -4.48 3.70
N LEU C 107 28.86 -3.80 4.60
CA LEU C 107 27.49 -4.16 5.00
C LEU C 107 26.57 -4.36 3.79
N PHE C 108 26.57 -3.40 2.84
CA PHE C 108 25.74 -3.44 1.66
C PHE C 108 26.08 -4.58 0.76
N GLU C 109 27.36 -4.80 0.52
CA GLU C 109 27.83 -5.90 -0.33
C GLU C 109 27.47 -7.27 0.26
N PHE C 110 27.43 -7.36 1.61
CA PHE C 110 27.04 -8.57 2.32
C PHE C 110 25.58 -8.89 1.98
N CYS C 111 24.72 -7.86 1.99
CA CYS C 111 23.30 -7.95 1.66
C CYS C 111 23.08 -8.36 0.22
N GLN C 112 23.91 -7.85 -0.69
CA GLN C 112 23.81 -8.20 -2.11
C GLN C 112 24.22 -9.65 -2.30
N LEU C 113 25.29 -10.10 -1.64
CA LEU C 113 25.74 -11.47 -1.79
C LEU C 113 24.74 -12.46 -1.24
N SER C 114 24.19 -12.17 -0.08
CA SER C 114 23.22 -13.04 0.55
C SER C 114 21.90 -13.14 -0.25
N THR C 115 21.38 -11.98 -0.72
CA THR C 115 20.13 -11.91 -1.50
C THR C 115 20.31 -12.51 -2.90
N GLY C 116 21.49 -12.27 -3.50
CA GLY C 116 21.85 -12.79 -4.81
C GLY C 116 21.66 -14.31 -4.93
N GLY C 117 22.14 -15.04 -3.93
CA GLY C 117 22.03 -16.50 -3.90
C GLY C 117 20.60 -16.98 -3.81
N SER C 118 19.80 -16.33 -2.96
CA SER C 118 18.39 -16.66 -2.77
C SER C 118 17.58 -16.39 -4.05
N VAL C 119 17.76 -15.21 -4.63
CA VAL C 119 17.06 -14.82 -5.84
C VAL C 119 17.48 -15.68 -7.04
N ALA C 120 18.78 -16.02 -7.15
CA ALA C 120 19.27 -16.86 -8.23
C ALA C 120 18.69 -18.26 -8.13
N GLY C 121 18.57 -18.78 -6.92
CA GLY C 121 18.00 -20.09 -6.65
C GLY C 121 16.55 -20.14 -7.07
N ALA C 122 15.83 -19.06 -6.77
CA ALA C 122 14.44 -18.88 -7.13
C ALA C 122 14.29 -18.91 -8.68
N VAL C 123 15.13 -18.12 -9.39
CA VAL C 123 15.16 -18.06 -10.85
C VAL C 123 15.48 -19.43 -11.43
N LYS C 124 16.44 -20.14 -10.85
CA LYS C 124 16.83 -21.47 -11.35
C LYS C 124 15.69 -22.50 -11.21
N LEU C 125 14.96 -22.43 -10.10
CA LEU C 125 13.85 -23.32 -9.86
C LEU C 125 12.67 -22.95 -10.80
N ASN C 126 12.47 -21.66 -11.06
CA ASN C 126 11.43 -21.14 -11.94
C ASN C 126 11.62 -21.66 -13.34
N ARG C 127 12.87 -21.60 -13.83
CA ARG C 127 13.25 -22.05 -15.17
C ARG C 127 13.26 -23.57 -15.34
N GLN C 128 13.03 -24.33 -14.24
CA GLN C 128 13.03 -25.79 -14.23
C GLN C 128 14.41 -26.33 -14.62
N GLN C 129 15.47 -25.68 -14.08
CA GLN C 129 16.87 -26.06 -14.33
C GLN C 129 17.51 -26.83 -13.17
N THR C 130 16.77 -27.01 -12.04
CA THR C 130 17.17 -27.74 -10.83
C THR C 130 15.95 -28.11 -10.01
N ASP C 131 16.07 -29.16 -9.22
CA ASP C 131 14.97 -29.61 -8.35
C ASP C 131 15.05 -28.93 -6.98
N MET C 132 16.28 -28.66 -6.52
CA MET C 132 16.60 -28.00 -5.26
C MET C 132 17.70 -26.97 -5.50
N ALA C 133 17.62 -25.82 -4.81
CA ALA C 133 18.62 -24.74 -4.82
C ALA C 133 19.02 -24.48 -3.36
N VAL C 134 20.33 -24.28 -3.07
CA VAL C 134 20.88 -24.09 -1.73
C VAL C 134 21.63 -22.76 -1.50
N ASN C 135 21.27 -22.00 -0.44
CA ASN C 135 21.95 -20.76 -0.11
C ASN C 135 22.11 -20.62 1.40
N TRP C 136 23.23 -21.13 1.95
CA TRP C 136 23.46 -21.03 3.38
C TRP C 136 23.77 -19.58 3.83
N ALA C 137 24.11 -18.70 2.87
CA ALA C 137 24.36 -17.30 3.19
C ALA C 137 23.06 -16.51 3.44
N GLY C 138 21.91 -17.06 3.04
CA GLY C 138 20.59 -16.46 3.20
C GLY C 138 19.79 -16.94 4.40
N GLY C 139 18.47 -16.70 4.36
CA GLY C 139 17.54 -17.06 5.41
C GLY C 139 17.46 -16.01 6.50
N LEU C 140 17.66 -14.73 6.11
CA LEU C 140 17.64 -13.57 7.02
C LEU C 140 16.20 -13.05 7.28
N HIS C 141 15.37 -13.93 7.90
CA HIS C 141 13.95 -13.75 8.18
C HIS C 141 13.49 -12.55 9.03
N HIS C 142 14.37 -11.87 9.79
CA HIS C 142 13.97 -10.77 10.67
C HIS C 142 13.82 -9.37 10.01
N ALA C 143 14.42 -9.18 8.86
CA ALA C 143 14.40 -7.91 8.16
C ALA C 143 13.01 -7.47 7.70
N LYS C 144 12.61 -6.23 8.05
CA LYS C 144 11.31 -5.64 7.67
C LYS C 144 11.43 -4.68 6.43
N LYS C 145 10.31 -4.07 5.96
CA LYS C 145 10.29 -3.19 4.77
C LYS C 145 11.25 -2.01 4.88
N SER C 146 11.24 -1.32 6.03
CA SER C 146 12.14 -0.18 6.25
C SER C 146 12.67 -0.30 7.65
N GLU C 147 13.29 -1.45 7.93
CA GLU C 147 13.79 -1.71 9.27
C GLU C 147 14.69 -2.95 9.36
N ALA C 148 15.91 -2.75 9.86
CA ALA C 148 16.84 -3.83 10.14
C ALA C 148 16.35 -4.50 11.47
N SER C 149 16.56 -5.80 11.63
CA SER C 149 16.12 -6.50 12.86
C SER C 149 16.90 -7.80 13.09
N GLY C 150 17.21 -8.08 14.36
CA GLY C 150 17.92 -9.29 14.81
C GLY C 150 18.99 -9.82 13.89
N PHE C 151 20.04 -9.00 13.65
CA PHE C 151 21.21 -9.27 12.81
C PHE C 151 20.92 -9.24 11.27
N CYS C 152 19.64 -9.03 10.84
CA CYS C 152 19.14 -9.00 9.46
C CYS C 152 18.91 -7.59 8.88
N TYR C 153 19.33 -7.36 7.63
CA TYR C 153 19.12 -6.06 7.01
C TYR C 153 18.18 -6.16 5.80
N VAL C 154 18.48 -7.04 4.85
CA VAL C 154 17.65 -7.23 3.66
C VAL C 154 17.03 -8.61 3.74
N ASN C 155 15.70 -8.69 3.60
CA ASN C 155 15.05 -9.97 3.67
C ASN C 155 15.10 -10.66 2.34
N ASP C 156 16.15 -11.47 2.14
CA ASP C 156 16.36 -12.24 0.91
C ASP C 156 15.26 -13.31 0.69
N ILE C 157 14.61 -13.78 1.78
CA ILE C 157 13.57 -14.79 1.64
C ILE C 157 12.34 -14.18 0.94
N VAL C 158 11.95 -12.96 1.31
CA VAL C 158 10.81 -12.32 0.70
C VAL C 158 11.09 -12.02 -0.76
N LEU C 159 12.31 -11.55 -1.08
CA LEU C 159 12.71 -11.25 -2.46
C LEU C 159 12.79 -12.50 -3.34
N ALA C 160 13.12 -13.66 -2.75
CA ALA C 160 13.20 -14.94 -3.46
C ALA C 160 11.78 -15.49 -3.66
N ILE C 161 10.91 -15.32 -2.66
CA ILE C 161 9.54 -15.76 -2.77
C ILE C 161 8.82 -14.86 -3.81
N LEU C 162 9.10 -13.52 -3.82
CA LEU C 162 8.47 -12.62 -4.82
C LEU C 162 8.77 -13.12 -6.23
N GLU C 163 9.98 -13.67 -6.45
CA GLU C 163 10.47 -14.26 -7.68
C GLU C 163 9.76 -15.59 -7.97
N LEU C 164 9.61 -16.47 -6.96
CA LEU C 164 8.90 -17.73 -7.15
C LEU C 164 7.46 -17.53 -7.52
N LEU C 165 6.83 -16.44 -7.05
CA LEU C 165 5.43 -16.14 -7.32
C LEU C 165 5.14 -15.83 -8.77
N LYS C 166 6.16 -15.52 -9.58
CA LYS C 166 6.00 -15.25 -11.02
C LYS C 166 5.59 -16.54 -11.77
N TYR C 167 6.07 -17.70 -11.30
CA TYR C 167 5.86 -19.02 -11.89
C TYR C 167 5.01 -19.95 -11.03
N HIS C 168 4.84 -19.65 -9.74
CA HIS C 168 4.08 -20.51 -8.84
C HIS C 168 2.86 -19.81 -8.26
N GLN C 169 1.69 -20.46 -8.33
CA GLN C 169 0.44 -19.93 -7.81
C GLN C 169 0.44 -19.91 -6.26
N ARG C 170 1.11 -20.90 -5.64
CA ARG C 170 1.22 -21.05 -4.20
C ARG C 170 2.61 -21.51 -3.79
N VAL C 171 3.23 -20.76 -2.86
CA VAL C 171 4.54 -21.10 -2.32
C VAL C 171 4.35 -21.41 -0.81
N LEU C 172 5.08 -22.42 -0.30
CA LEU C 172 5.01 -22.78 1.10
C LEU C 172 6.32 -22.42 1.84
N TYR C 173 6.24 -21.58 2.86
CA TYR C 173 7.42 -21.18 3.63
C TYR C 173 7.49 -21.94 4.99
N ILE C 174 8.59 -22.66 5.25
CA ILE C 174 8.76 -23.39 6.51
C ILE C 174 9.99 -22.83 7.22
N ASP C 175 9.86 -22.45 8.49
CA ASP C 175 10.97 -21.85 9.23
C ASP C 175 11.28 -22.74 10.46
N ILE C 176 12.47 -23.39 10.50
CA ILE C 176 12.83 -24.26 11.64
C ILE C 176 13.87 -23.61 12.57
N ASP C 177 14.20 -22.34 12.35
CA ASP C 177 15.09 -21.52 13.18
C ASP C 177 14.41 -21.41 14.56
N ILE C 178 15.17 -21.07 15.61
CA ILE C 178 14.58 -20.96 16.95
C ILE C 178 13.72 -19.72 17.12
N HIS C 179 13.96 -18.67 16.33
CA HIS C 179 13.19 -17.44 16.42
C HIS C 179 12.09 -17.44 15.36
N HIS C 180 10.99 -16.71 15.66
CA HIS C 180 9.85 -16.52 14.78
C HIS C 180 10.31 -15.79 13.51
N GLY C 181 9.86 -16.25 12.33
CA GLY C 181 10.22 -15.59 11.08
C GLY C 181 9.29 -14.43 10.82
N ASP C 182 9.31 -13.45 11.73
CA ASP C 182 8.45 -12.28 11.68
C ASP C 182 8.52 -11.49 10.37
N GLY C 183 9.71 -11.30 9.82
CA GLY C 183 9.89 -10.55 8.58
C GLY C 183 9.17 -11.18 7.41
N VAL C 184 9.28 -12.52 7.30
CA VAL C 184 8.65 -13.27 6.21
C VAL C 184 7.15 -13.42 6.40
N GLU C 185 6.74 -13.63 7.64
CA GLU C 185 5.33 -13.79 7.97
C GLU C 185 4.54 -12.50 7.66
N GLU C 186 5.14 -11.34 7.99
CA GLU C 186 4.57 -10.00 7.83
C GLU C 186 4.39 -9.61 6.38
N ALA C 187 5.38 -9.90 5.55
CA ALA C 187 5.32 -9.61 4.13
C ALA C 187 4.14 -10.32 3.46
N PHE C 188 3.87 -11.57 3.84
CA PHE C 188 2.77 -12.32 3.21
C PHE C 188 1.54 -12.48 4.09
N TYR C 189 1.42 -11.66 5.16
CA TYR C 189 0.35 -11.75 6.13
C TYR C 189 -1.07 -11.66 5.56
N THR C 190 -1.25 -10.83 4.53
CA THR C 190 -2.59 -10.66 3.96
C THR C 190 -2.80 -11.37 2.63
N THR C 191 -1.99 -12.40 2.33
CA THR C 191 -2.16 -13.15 1.08
C THR C 191 -2.29 -14.64 1.29
N ASP C 192 -3.06 -15.27 0.43
CA ASP C 192 -3.23 -16.70 0.45
C ASP C 192 -2.31 -17.41 -0.56
N ARG C 193 -1.57 -16.63 -1.39
CA ARG C 193 -0.61 -17.15 -2.38
C ARG C 193 0.74 -17.55 -1.74
N VAL C 194 0.93 -17.28 -0.44
CA VAL C 194 2.11 -17.71 0.29
C VAL C 194 1.62 -18.15 1.70
N MET C 195 1.92 -19.41 2.12
CA MET C 195 1.58 -19.86 3.45
C MET C 195 2.88 -19.93 4.30
N THR C 196 2.90 -19.23 5.45
CA THR C 196 4.08 -19.25 6.31
C THR C 196 3.85 -20.11 7.55
N VAL C 197 4.63 -21.18 7.71
CA VAL C 197 4.61 -22.10 8.86
C VAL C 197 5.90 -21.83 9.65
N SER C 198 5.78 -21.46 10.93
CA SER C 198 6.94 -21.20 11.76
C SER C 198 6.89 -21.95 13.10
N PHE C 199 7.94 -22.73 13.40
CA PHE C 199 8.09 -23.47 14.66
C PHE C 199 9.17 -22.69 15.40
N HIS C 200 8.89 -22.18 16.62
CA HIS C 200 9.88 -21.33 17.32
C HIS C 200 9.71 -21.27 18.84
N LYS C 201 10.75 -20.79 19.55
CA LYS C 201 10.69 -20.61 20.99
C LYS C 201 9.85 -19.34 21.21
N TYR C 202 8.78 -19.46 21.99
CA TYR C 202 7.91 -18.32 22.26
C TYR C 202 7.68 -18.26 23.76
N GLY C 203 7.92 -17.10 24.34
CA GLY C 203 7.76 -16.91 25.77
C GLY C 203 8.39 -15.64 26.27
N GLU C 204 8.52 -15.55 27.61
CA GLU C 204 9.06 -14.44 28.40
C GLU C 204 10.09 -13.56 27.66
N TYR C 205 9.59 -12.48 27.01
CA TYR C 205 10.36 -11.49 26.24
C TYR C 205 11.42 -12.12 25.32
N TYR C 206 11.17 -13.35 24.82
CA TYR C 206 12.12 -14.00 23.93
C TYR C 206 11.94 -13.39 22.55
N PHE C 207 13.04 -12.90 21.96
CA PHE C 207 13.08 -12.26 20.66
C PHE C 207 12.39 -13.11 19.58
N PRO C 208 11.57 -12.51 18.71
CA PRO C 208 11.20 -11.10 18.64
C PRO C 208 9.88 -10.74 19.37
N GLY C 209 9.29 -11.71 20.07
CA GLY C 209 8.06 -11.51 20.83
C GLY C 209 6.76 -11.83 20.11
N THR C 210 6.87 -12.15 18.82
CA THR C 210 5.70 -12.48 18.01
C THR C 210 5.70 -13.98 17.64
N GLY C 211 4.67 -14.42 16.95
CA GLY C 211 4.55 -15.81 16.54
C GLY C 211 3.65 -16.58 17.48
N ASP C 212 2.63 -15.88 18.00
CA ASP C 212 1.67 -16.45 18.89
C ASP C 212 0.71 -17.40 18.14
N LEU C 213 0.11 -18.36 18.85
CA LEU C 213 -0.86 -19.30 18.30
C LEU C 213 -2.04 -18.52 17.67
N ARG C 214 -2.44 -17.40 18.27
CA ARG C 214 -3.53 -16.54 17.83
C ARG C 214 -3.24 -15.76 16.52
N ASP C 215 -1.98 -15.73 16.02
CA ASP C 215 -1.65 -15.00 14.78
C ASP C 215 -1.77 -15.91 13.57
N ILE C 216 -2.93 -15.88 12.91
CA ILE C 216 -3.18 -16.76 11.77
C ILE C 216 -3.34 -16.07 10.43
N GLY C 217 -3.02 -14.78 10.34
CA GLY C 217 -3.14 -14.06 9.09
C GLY C 217 -4.31 -13.08 9.05
N ALA C 218 -4.36 -12.24 8.01
CA ALA C 218 -5.45 -11.28 7.89
C ALA C 218 -6.02 -11.21 6.46
N GLY C 219 -7.26 -10.77 6.32
CA GLY C 219 -7.90 -10.66 5.01
C GLY C 219 -7.92 -11.97 4.27
N LYS C 220 -7.50 -11.97 3.00
CA LYS C 220 -7.43 -13.23 2.23
C LYS C 220 -6.41 -14.22 2.81
N GLY C 221 -5.48 -13.74 3.62
CA GLY C 221 -4.45 -14.55 4.25
C GLY C 221 -4.85 -15.10 5.61
N LYS C 222 -6.13 -14.96 6.02
CA LYS C 222 -6.59 -15.53 7.29
C LYS C 222 -6.54 -17.05 7.14
N TYR C 223 -5.86 -17.71 8.07
CA TYR C 223 -5.57 -19.15 8.11
C TYR C 223 -4.31 -19.52 7.24
N TYR C 224 -3.63 -18.51 6.63
CA TYR C 224 -2.44 -18.74 5.79
C TYR C 224 -1.12 -18.44 6.53
N ALA C 225 -1.18 -18.31 7.85
CA ALA C 225 -0.02 -18.10 8.70
C ALA C 225 -0.22 -19.07 9.83
N VAL C 226 0.70 -20.01 9.98
CA VAL C 226 0.66 -21.04 11.02
C VAL C 226 1.79 -20.74 11.96
N ASN C 227 1.57 -20.84 13.28
CA ASN C 227 2.62 -20.58 14.27
C ASN C 227 2.59 -21.62 15.37
N PHE C 228 3.72 -22.30 15.59
CA PHE C 228 3.87 -23.29 16.66
C PHE C 228 4.81 -22.76 17.71
N PRO C 229 4.25 -22.07 18.72
CA PRO C 229 5.10 -21.55 19.82
C PRO C 229 5.54 -22.66 20.75
N MET C 230 6.83 -22.74 21.06
CA MET C 230 7.43 -23.77 21.92
C MET C 230 8.17 -23.24 23.14
N ARG C 231 8.19 -24.01 24.20
CA ARG C 231 8.87 -23.69 25.44
C ARG C 231 10.32 -24.24 25.41
N ASP C 232 11.17 -23.83 26.36
CA ASP C 232 12.57 -24.28 26.40
C ASP C 232 12.72 -25.82 26.48
N GLY C 233 13.74 -26.36 25.81
CA GLY C 233 14.05 -27.78 25.91
C GLY C 233 13.53 -28.84 24.99
N ILE C 234 12.77 -28.49 23.94
CA ILE C 234 12.22 -29.47 22.98
C ILE C 234 13.32 -30.38 22.43
N ASP C 235 13.01 -31.65 22.14
CA ASP C 235 14.02 -32.58 21.66
C ASP C 235 13.62 -33.26 20.36
N ASP C 236 14.51 -34.08 19.76
CA ASP C 236 14.26 -34.79 18.50
C ASP C 236 12.90 -35.53 18.40
N GLU C 237 12.54 -36.35 19.40
CA GLU C 237 11.28 -37.09 19.34
C GLU C 237 10.08 -36.14 19.39
N SER C 238 10.13 -35.15 20.29
CA SER C 238 9.05 -34.20 20.44
C SER C 238 8.88 -33.36 19.19
N TYR C 239 9.95 -32.71 18.69
CA TYR C 239 9.89 -31.90 17.49
C TYR C 239 9.43 -32.75 16.30
N GLY C 240 9.97 -33.96 16.18
CA GLY C 240 9.61 -34.86 15.09
C GLY C 240 8.16 -35.27 15.06
N GLN C 241 7.58 -35.53 16.25
CA GLN C 241 6.16 -35.92 16.30
C GLN C 241 5.20 -34.77 15.99
N ILE C 242 5.72 -33.52 15.91
CA ILE C 242 4.95 -32.31 15.64
C ILE C 242 5.19 -31.83 14.17
N PHE C 243 6.44 -31.89 13.71
CA PHE C 243 6.78 -31.44 12.39
C PHE C 243 6.08 -32.24 11.29
N LYS C 244 6.28 -33.58 11.25
CA LYS C 244 5.67 -34.43 10.20
C LYS C 244 4.12 -34.33 10.11
N PRO C 245 3.33 -34.47 11.20
CA PRO C 245 1.87 -34.35 11.07
C PRO C 245 1.41 -32.97 10.59
N ILE C 246 2.01 -31.89 11.11
CA ILE C 246 1.63 -30.54 10.72
C ILE C 246 1.99 -30.25 9.23
N ILE C 247 3.24 -30.59 8.82
CA ILE C 247 3.68 -30.33 7.45
C ILE C 247 2.93 -31.22 6.42
N SER C 248 2.54 -32.44 6.80
CA SER C 248 1.78 -33.33 5.91
C SER C 248 0.34 -32.78 5.71
N LYS C 249 -0.29 -32.31 6.79
CA LYS C 249 -1.63 -31.74 6.70
C LYS C 249 -1.58 -30.42 5.93
N VAL C 250 -0.54 -29.61 6.15
CA VAL C 250 -0.36 -28.34 5.44
C VAL C 250 -0.17 -28.64 3.94
N MET C 251 0.62 -29.66 3.60
CA MET C 251 0.86 -30.02 2.20
C MET C 251 -0.43 -30.40 1.50
N GLU C 252 -1.26 -31.17 2.20
CA GLU C 252 -2.53 -31.70 1.75
C GLU C 252 -3.56 -30.58 1.55
N MET C 253 -3.72 -29.72 2.56
CA MET C 253 -4.68 -28.65 2.49
C MET C 253 -4.26 -27.52 1.57
N TYR C 254 -3.01 -27.08 1.70
CA TYR C 254 -2.51 -25.96 0.95
C TYR C 254 -2.16 -26.28 -0.47
N GLN C 255 -1.58 -27.48 -0.70
CA GLN C 255 -1.16 -27.94 -2.04
C GLN C 255 -0.30 -26.91 -2.75
N PRO C 256 0.94 -26.67 -2.26
CA PRO C 256 1.79 -25.68 -2.93
C PRO C 256 2.59 -26.27 -4.08
N SER C 257 3.04 -25.43 -5.00
CA SER C 257 3.85 -25.84 -6.14
C SER C 257 5.36 -25.59 -5.93
N ALA C 258 5.75 -24.90 -4.83
CA ALA C 258 7.15 -24.62 -4.51
C ALA C 258 7.33 -24.47 -3.01
N VAL C 259 8.51 -24.84 -2.50
CA VAL C 259 8.78 -24.75 -1.05
C VAL C 259 10.06 -23.97 -0.75
N VAL C 260 10.00 -23.10 0.28
CA VAL C 260 11.15 -22.35 0.77
C VAL C 260 11.36 -22.78 2.22
N LEU C 261 12.50 -23.41 2.50
CA LEU C 261 12.81 -23.92 3.82
C LEU C 261 14.03 -23.24 4.44
N GLN C 262 13.82 -22.51 5.53
CA GLN C 262 14.83 -21.80 6.28
C GLN C 262 15.31 -22.80 7.35
N CYS C 263 16.62 -23.14 7.31
CA CYS C 263 17.26 -24.13 8.19
C CYS C 263 18.16 -23.50 9.30
N GLY C 264 17.64 -22.55 10.06
CA GLY C 264 18.39 -21.90 11.14
C GLY C 264 18.86 -22.91 12.19
N ALA C 265 20.17 -23.00 12.39
CA ALA C 265 20.74 -23.99 13.31
C ALA C 265 20.76 -23.57 14.79
N ASP C 266 20.16 -22.40 15.14
CA ASP C 266 20.09 -21.95 16.54
C ASP C 266 19.11 -22.77 17.39
N SER C 267 18.36 -23.69 16.76
CA SER C 267 17.42 -24.64 17.36
C SER C 267 18.12 -25.96 17.75
N LEU C 268 19.44 -26.06 17.57
CA LEU C 268 20.22 -27.22 17.94
C LEU C 268 20.64 -27.11 19.42
N SER C 269 20.89 -28.26 20.02
CA SER C 269 21.33 -28.41 21.39
C SER C 269 22.69 -27.73 21.52
N GLY C 270 22.86 -26.93 22.56
CA GLY C 270 24.14 -26.27 22.80
C GLY C 270 24.40 -24.97 22.07
N ASP C 271 23.37 -24.40 21.41
CA ASP C 271 23.57 -23.12 20.73
C ASP C 271 23.63 -22.04 21.77
N ARG C 272 24.60 -21.12 21.66
CA ARG C 272 24.74 -20.07 22.66
C ARG C 272 23.53 -19.12 22.72
N LEU C 273 22.89 -18.84 21.56
CA LEU C 273 21.71 -17.97 21.54
C LEU C 273 20.37 -18.74 21.67
N GLY C 274 20.41 -20.05 21.53
CA GLY C 274 19.21 -20.88 21.62
C GLY C 274 19.01 -21.58 22.95
N CYS C 275 17.81 -22.13 23.15
CA CYS C 275 17.41 -22.87 24.34
C CYS C 275 16.74 -24.21 24.00
N PHE C 276 17.00 -24.76 22.79
CA PHE C 276 16.44 -26.03 22.31
C PHE C 276 17.43 -27.20 22.45
N ASN C 277 16.94 -28.44 22.27
CA ASN C 277 17.76 -29.62 22.45
C ASN C 277 17.77 -30.56 21.25
N LEU C 278 17.74 -30.03 20.02
CA LEU C 278 17.77 -30.86 18.81
C LEU C 278 19.17 -31.26 18.41
N THR C 279 19.34 -32.41 17.77
CA THR C 279 20.63 -32.84 17.25
C THR C 279 20.63 -32.54 15.73
N VAL C 280 21.79 -32.64 15.05
CA VAL C 280 21.89 -32.40 13.61
C VAL C 280 20.89 -33.31 12.86
N LYS C 281 20.77 -34.56 13.32
CA LYS C 281 19.86 -35.58 12.78
C LYS C 281 18.38 -35.15 12.96
N GLY C 282 18.05 -34.72 14.17
CA GLY C 282 16.70 -34.27 14.50
C GLY C 282 16.27 -33.02 13.75
N HIS C 283 17.26 -32.13 13.47
CA HIS C 283 17.05 -30.89 12.73
C HIS C 283 16.84 -31.28 11.28
N ALA C 284 17.78 -32.07 10.71
CA ALA C 284 17.74 -32.56 9.32
C ALA C 284 16.57 -33.50 9.01
N LYS C 285 15.85 -33.99 10.04
CA LYS C 285 14.67 -34.83 9.80
C LYS C 285 13.57 -33.97 9.12
N CYS C 286 13.53 -32.67 9.43
CA CYS C 286 12.63 -31.72 8.85
C CYS C 286 12.90 -31.63 7.33
N VAL C 287 14.17 -31.68 6.91
CA VAL C 287 14.58 -31.64 5.50
C VAL C 287 14.17 -32.92 4.76
N GLU C 288 14.29 -34.07 5.44
CA GLU C 288 13.94 -35.38 4.88
C GLU C 288 12.44 -35.44 4.64
N VAL C 289 11.64 -34.91 5.58
CA VAL C 289 10.18 -34.86 5.48
C VAL C 289 9.79 -34.01 4.25
N VAL C 290 10.28 -32.76 4.15
CA VAL C 290 9.98 -31.86 3.03
C VAL C 290 10.27 -32.52 1.67
N LYS C 291 11.48 -33.07 1.53
CA LYS C 291 11.96 -33.76 0.33
C LYS C 291 11.00 -34.84 -0.21
N THR C 292 10.29 -35.57 0.68
CA THR C 292 9.36 -36.62 0.25
C THR C 292 8.24 -36.13 -0.63
N PHE C 293 7.84 -34.87 -0.48
CA PHE C 293 6.74 -34.31 -1.27
C PHE C 293 7.08 -34.00 -2.72
N ASN C 294 8.35 -34.14 -3.12
CA ASN C 294 8.81 -33.97 -4.50
C ASN C 294 8.43 -32.64 -5.15
N LEU C 295 8.60 -31.55 -4.41
CA LEU C 295 8.31 -30.21 -4.92
C LEU C 295 9.60 -29.45 -5.08
N PRO C 296 9.68 -28.48 -6.03
CA PRO C 296 10.89 -27.63 -6.17
C PRO C 296 11.22 -27.00 -4.81
N LEU C 297 12.48 -27.10 -4.34
CA LEU C 297 12.81 -26.62 -3.00
C LEU C 297 14.04 -25.68 -2.86
N LEU C 298 13.86 -24.56 -2.16
CA LEU C 298 14.92 -23.60 -1.88
C LEU C 298 15.31 -23.76 -0.40
N MET C 299 16.53 -24.27 -0.12
CA MET C 299 17.02 -24.47 1.24
C MET C 299 17.92 -23.31 1.62
N LEU C 300 17.57 -22.61 2.70
CA LEU C 300 18.30 -21.44 3.16
C LEU C 300 18.92 -21.62 4.54
N GLY C 301 19.83 -20.73 4.90
CA GLY C 301 20.48 -20.75 6.20
C GLY C 301 19.67 -19.99 7.25
N GLY C 302 20.35 -19.27 8.12
CA GLY C 302 19.70 -18.51 9.17
C GLY C 302 20.56 -18.48 10.40
N GLY C 303 19.92 -18.60 11.57
CA GLY C 303 20.59 -18.57 12.86
C GLY C 303 21.60 -19.65 13.16
N GLY C 304 22.25 -19.50 14.31
CA GLY C 304 23.29 -20.38 14.85
C GLY C 304 24.54 -19.60 15.21
N TYR C 305 24.93 -19.65 16.50
CA TYR C 305 26.10 -18.97 17.06
C TYR C 305 27.24 -19.99 17.28
N THR C 306 26.94 -21.26 17.63
CA THR C 306 28.00 -22.27 17.78
C THR C 306 28.34 -22.75 16.36
N ILE C 307 29.25 -22.01 15.69
CA ILE C 307 29.61 -22.18 14.30
C ILE C 307 30.14 -23.57 13.98
N ARG C 308 30.65 -24.37 14.95
CA ARG C 308 31.06 -25.75 14.61
C ARG C 308 29.79 -26.60 14.38
N ASN C 309 28.73 -26.37 15.18
CA ASN C 309 27.47 -27.05 15.04
C ASN C 309 26.71 -26.61 13.81
N VAL C 310 26.86 -25.34 13.43
CA VAL C 310 26.24 -24.75 12.24
C VAL C 310 26.89 -25.34 10.96
N ALA C 311 28.23 -25.60 11.01
CA ALA C 311 28.96 -26.21 9.90
C ALA C 311 28.56 -27.67 9.74
N ARG C 312 28.38 -28.40 10.85
CA ARG C 312 27.97 -29.81 10.80
C ARG C 312 26.54 -29.91 10.29
N CYS C 313 25.62 -29.08 10.82
CA CYS C 313 24.20 -29.08 10.50
C CYS C 313 23.90 -28.87 9.02
N TRP C 314 24.47 -27.81 8.42
CA TRP C 314 24.23 -27.52 7.00
C TRP C 314 25.01 -28.49 6.11
N THR C 315 26.13 -29.06 6.59
CA THR C 315 26.89 -30.02 5.79
C THR C 315 26.05 -31.29 5.62
N TYR C 316 25.52 -31.80 6.74
CA TYR C 316 24.68 -32.99 6.76
C TYR C 316 23.37 -32.78 6.00
N GLU C 317 22.81 -31.57 6.06
CA GLU C 317 21.57 -31.25 5.35
C GLU C 317 21.76 -31.16 3.86
N THR C 318 22.95 -30.76 3.40
CA THR C 318 23.24 -30.73 1.98
C THR C 318 23.41 -32.18 1.48
N ALA C 319 23.96 -33.08 2.33
CA ALA C 319 24.11 -34.49 2.00
C ALA C 319 22.71 -35.13 1.89
N VAL C 320 21.78 -34.76 2.79
CA VAL C 320 20.41 -35.24 2.76
C VAL C 320 19.74 -34.72 1.46
N ALA C 321 20.00 -33.46 1.05
CA ALA C 321 19.45 -32.92 -0.19
C ALA C 321 19.94 -33.74 -1.39
N LEU C 322 21.22 -34.12 -1.38
CA LEU C 322 21.83 -34.93 -2.43
C LEU C 322 21.50 -36.43 -2.32
N ASP C 323 20.84 -36.85 -1.24
CA ASP C 323 20.50 -38.25 -0.96
C ASP C 323 21.79 -39.07 -0.89
N CYS C 324 22.80 -38.51 -0.21
CA CYS C 324 24.13 -39.05 -0.07
C CYS C 324 24.45 -39.31 1.39
N GLU C 325 24.80 -40.56 1.72
CA GLU C 325 25.17 -40.89 3.09
C GLU C 325 26.64 -40.52 3.23
N ILE C 326 26.97 -39.76 4.28
CA ILE C 326 28.34 -39.33 4.52
C ILE C 326 28.78 -39.87 5.88
N PRO C 327 30.04 -40.32 5.99
CA PRO C 327 30.51 -40.88 7.28
C PRO C 327 30.55 -39.91 8.46
N ASN C 328 30.26 -40.45 9.65
CA ASN C 328 30.27 -39.70 10.91
C ASN C 328 31.67 -39.16 11.27
N GLU C 329 32.72 -39.70 10.65
CA GLU C 329 34.07 -39.25 10.89
C GLU C 329 34.32 -38.08 9.98
N LEU C 330 34.51 -36.90 10.56
CA LEU C 330 34.76 -35.70 9.77
C LEU C 330 36.05 -35.84 8.98
N PRO C 331 36.03 -35.50 7.69
CA PRO C 331 37.27 -35.58 6.91
C PRO C 331 38.21 -34.47 7.35
N TYR C 332 39.49 -34.56 6.95
CA TYR C 332 40.46 -33.50 7.26
C TYR C 332 40.02 -32.23 6.54
N ASN C 333 40.05 -31.10 7.22
CA ASN C 333 39.64 -29.83 6.62
C ASN C 333 40.43 -28.65 7.23
N ASP C 334 40.30 -27.44 6.64
CA ASP C 334 40.95 -26.20 7.07
C ASP C 334 40.54 -25.74 8.46
N TYR C 335 39.46 -26.28 9.02
CA TYR C 335 38.96 -25.90 10.35
C TYR C 335 38.85 -27.10 11.31
N PHE C 336 39.54 -28.20 10.97
CA PHE C 336 39.57 -29.47 11.69
C PHE C 336 39.57 -29.32 13.22
N GLU C 337 40.54 -28.56 13.75
CA GLU C 337 40.73 -28.30 15.18
C GLU C 337 39.46 -27.79 15.90
N TYR C 338 38.60 -27.02 15.19
CA TYR C 338 37.34 -26.47 15.69
C TYR C 338 36.31 -27.56 16.04
N PHE C 339 36.46 -28.76 15.49
CA PHE C 339 35.54 -29.86 15.73
C PHE C 339 36.02 -30.86 16.80
N GLY C 340 37.05 -30.48 17.55
CA GLY C 340 37.57 -31.33 18.62
C GLY C 340 36.67 -31.38 19.84
N PRO C 341 36.90 -32.32 20.76
CA PRO C 341 37.98 -33.30 20.79
C PRO C 341 37.65 -34.65 20.17
N ASP C 342 36.38 -34.90 19.81
CA ASP C 342 36.01 -36.20 19.25
C ASP C 342 35.93 -36.22 17.71
N PHE C 343 35.93 -35.04 17.07
CA PHE C 343 35.94 -34.86 15.61
C PHE C 343 34.88 -35.62 14.83
N LYS C 344 33.67 -35.70 15.41
CA LYS C 344 32.56 -36.39 14.75
C LYS C 344 31.59 -35.38 14.11
N LEU C 345 30.77 -35.84 13.16
CA LEU C 345 29.82 -35.00 12.45
C LEU C 345 28.52 -34.81 13.28
N HIS C 346 27.99 -35.90 13.85
CA HIS C 346 26.78 -35.81 14.65
C HIS C 346 27.05 -35.37 16.06
N ILE C 347 26.02 -34.87 16.74
CA ILE C 347 26.17 -34.37 18.10
C ILE C 347 25.25 -35.06 19.06
N SER C 348 25.64 -35.04 20.33
CA SER C 348 24.82 -35.65 21.37
C SER C 348 23.97 -34.55 22.05
N PRO C 349 22.69 -34.84 22.35
CA PRO C 349 21.86 -33.85 23.05
C PRO C 349 22.30 -33.67 24.50
N SER C 350 21.70 -32.68 25.21
CA SER C 350 22.07 -32.43 26.59
C SER C 350 21.05 -33.04 27.59
N ASN C 351 21.35 -33.00 28.90
CA ASN C 351 20.44 -33.49 29.93
C ASN C 351 19.36 -32.45 30.27
N MET C 352 19.22 -31.37 29.45
CA MET C 352 18.27 -30.30 29.72
C MET C 352 16.82 -30.80 29.77
N THR C 353 16.00 -30.13 30.58
CA THR C 353 14.61 -30.55 30.72
C THR C 353 13.73 -29.91 29.63
N ASN C 354 12.88 -30.74 29.01
CA ASN C 354 11.95 -30.35 27.98
C ASN C 354 10.70 -29.80 28.65
N GLN C 355 10.51 -28.48 28.64
CA GLN C 355 9.32 -27.87 29.27
C GLN C 355 8.05 -27.96 28.41
N ASN C 356 8.11 -28.68 27.27
CA ASN C 356 6.96 -28.84 26.39
C ASN C 356 6.27 -30.12 26.78
N THR C 357 5.41 -30.04 27.80
CA THR C 357 4.68 -31.19 28.29
C THR C 357 3.81 -31.83 27.20
N PRO C 358 3.65 -33.17 27.21
CA PRO C 358 2.80 -33.81 26.19
C PRO C 358 1.42 -33.16 26.00
N GLU C 359 0.86 -32.61 27.10
CA GLU C 359 -0.42 -31.93 27.09
C GLU C 359 -0.36 -30.63 26.25
N TYR C 360 0.62 -29.75 26.55
CA TYR C 360 0.84 -28.49 25.85
C TYR C 360 0.98 -28.69 24.34
N MET C 361 1.78 -29.66 23.95
CA MET C 361 2.00 -29.97 22.55
C MET C 361 0.76 -30.50 21.85
N GLU C 362 -0.12 -31.16 22.58
CA GLU C 362 -1.35 -31.71 22.02
C GLU C 362 -2.41 -30.65 21.79
N LYS C 363 -2.47 -29.65 22.70
CA LYS C 363 -3.41 -28.54 22.60
C LYS C 363 -3.06 -27.64 21.40
N ILE C 364 -1.76 -27.30 21.22
CA ILE C 364 -1.34 -26.46 20.10
C ILE C 364 -1.58 -27.22 18.80
N LYS C 365 -1.23 -28.52 18.77
CA LYS C 365 -1.41 -29.38 17.59
C LYS C 365 -2.91 -29.38 17.18
N GLN C 366 -3.80 -29.67 18.16
CA GLN C 366 -5.25 -29.69 17.96
C GLN C 366 -5.77 -28.37 17.38
N ARG C 367 -5.33 -27.23 17.94
CA ARG C 367 -5.71 -25.88 17.50
C ARG C 367 -5.22 -25.59 16.09
N LEU C 368 -3.98 -25.96 15.75
CA LEU C 368 -3.44 -25.71 14.42
C LEU C 368 -4.19 -26.52 13.36
N PHE C 369 -4.52 -27.75 13.68
CA PHE C 369 -5.28 -28.67 12.84
C PHE C 369 -6.71 -28.14 12.61
N GLU C 370 -7.29 -27.47 13.62
CA GLU C 370 -8.62 -26.90 13.48
C GLU C 370 -8.51 -25.75 12.47
N ASN C 371 -7.50 -24.88 12.63
CA ASN C 371 -7.23 -23.76 11.76
C ASN C 371 -6.98 -24.23 10.32
N LEU C 372 -6.26 -25.36 10.15
CA LEU C 372 -5.97 -25.93 8.82
C LEU C 372 -7.21 -26.35 8.08
N ARG C 373 -8.23 -26.83 8.81
N ARG C 373 -8.23 -26.84 8.81
CA ARG C 373 -9.49 -27.26 8.19
CA ARG C 373 -9.51 -27.26 8.25
C ARG C 373 -10.33 -26.10 7.63
C ARG C 373 -10.33 -26.11 7.63
N MET C 374 -9.93 -24.85 7.89
CA MET C 374 -10.62 -23.67 7.37
C MET C 374 -10.10 -23.24 5.98
N LEU C 375 -9.38 -24.13 5.28
CA LEU C 375 -8.82 -23.83 3.96
C LEU C 375 -9.73 -24.33 2.81
ZN ZN D . -17.84 13.83 12.82
CA CA E . -11.48 10.88 13.93
CA CA F . 0.78 17.05 19.51
C1 PEG G . -34.42 24.38 28.89
O1 PEG G . -35.64 23.92 29.50
C2 PEG G . -34.65 24.88 27.49
O2 PEG G . -33.43 25.28 26.88
C3 PEG G . -33.45 25.15 25.46
C4 PEG G . -33.31 26.49 24.80
O4 PEG G . -34.51 27.25 24.84
C1 PEG H . -38.01 5.00 12.66
O1 PEG H . -39.22 5.34 13.34
C2 PEG H . -37.64 3.57 12.83
O2 PEG H . -36.28 3.37 12.44
C3 PEG H . -36.13 2.45 11.37
C4 PEG H . -35.84 3.17 10.09
O4 PEG H . -35.86 2.30 8.96
C1 PEG I . -37.25 16.93 20.47
O1 PEG I . -38.04 16.03 19.71
C2 PEG I . -36.69 18.04 19.62
O2 PEG I . -35.99 18.99 20.41
C3 PEG I . -36.87 19.89 21.11
C4 PEG I . -36.86 21.23 20.44
O4 PEG I . -37.44 21.20 19.14
C1 WB4 J . -20.51 19.43 6.65
N2 WB4 J . -20.20 20.75 6.13
C3 WB4 J . -23.83 18.18 6.13
C4 WB4 J . -24.17 19.51 6.30
C11 WB4 J . -29.27 21.91 7.15
C13 WB4 J . -28.22 23.77 8.21
C14 WB4 J . -26.98 23.20 8.04
C15 WB4 J . -19.25 20.96 5.20
C16 WB4 J . -18.97 22.37 4.93
C17 WB4 J . -19.55 23.49 5.48
C24 WB4 J . -21.45 16.32 14.85
C26 WB4 J . -20.68 16.78 17.09
C27 WB4 J . -19.40 17.02 16.62
C28 WB4 J . -19.13 16.91 15.28
O1 WB4 J . -19.19 15.56 12.45
C22 WB4 J . -19.65 16.57 12.95
C23 WB4 J . -20.15 16.57 14.37
C25 WB4 J . -21.69 16.42 16.22
S1 WB4 J . -22.83 15.92 13.82
C29 WB4 J . -22.29 14.56 12.80
N4 WB4 J . -19.71 17.74 12.29
C21 WB4 J . -19.17 17.93 10.95
C20 WB4 J . -20.12 17.44 9.89
C19 WB4 J . -19.77 17.86 8.47
C WB4 J . -20.09 19.31 8.13
O WB4 J . -18.67 20.06 4.59
S WB4 J . -17.77 22.87 3.79
C18 WB4 J . -18.17 24.51 4.14
N3 WB4 J . -19.09 24.71 5.02
C2 WB4 J . -21.99 19.19 6.46
N1 WB4 J . -22.96 20.14 6.52
N WB4 J . -22.48 18.00 6.22
C5 WB4 J . -25.49 20.14 6.51
C10 WB4 J . -26.65 19.51 6.05
C9 WB4 J . -27.87 20.06 6.25
C8 WB4 J . -28.02 21.29 6.93
C12 WB4 J . -29.35 23.12 7.77
C7 WB4 J . -26.84 21.95 7.39
C6 WB4 J . -25.59 21.34 7.16
ZN ZN K . -4.55 0.14 -27.80
CA CA L . 1.32 0.55 -32.08
CA CA M . 3.28 8.57 -44.25
C1 PEG N . 0.80 -20.02 -17.96
O1 PEG N . 1.29 -20.34 -16.67
C2 PEG N . 1.89 -19.69 -18.91
O2 PEG N . 2.84 -20.75 -18.92
C3 PEG N . 3.87 -20.56 -19.87
C4 PEG N . 4.60 -21.85 -20.09
O4 PEG N . 3.75 -22.86 -20.62
C1 PEG O . -18.29 15.97 -15.83
O1 PEG O . -17.34 17.00 -16.00
C2 PEG O . -18.66 15.35 -17.12
O2 PEG O . -19.75 14.47 -16.91
C3 PEG O . -20.93 14.87 -17.58
C4 PEG O . -22.15 14.41 -16.81
O4 PEG O . -23.34 15.06 -17.28
C1 WB4 P . -12.12 -4.21 -29.65
N2 WB4 P . -13.30 -4.36 -30.47
C3 WB4 P . -12.57 -5.09 -26.19
C4 WB4 P . -13.72 -4.34 -26.35
C11 WB4 P . -18.15 -3.58 -22.83
C13 WB4 P . -19.03 -1.93 -24.32
C14 WB4 P . -17.95 -2.06 -25.15
C15 WB4 P . -13.39 -5.26 -31.45
C16 WB4 P . -14.35 -4.91 -32.52
C17 WB4 P . -15.05 -3.73 -32.67
C24 WB4 P . -7.88 2.74 -25.35
C26 WB4 P . -7.51 5.07 -25.91
C27 WB4 P . -7.31 4.74 -27.22
C28 WB4 P . -7.37 3.41 -27.62
O1 WB4 P . -6.81 0.21 -27.06
C22 WB4 P . -7.68 1.03 -27.32
C23 WB4 P . -7.65 2.40 -26.71
C25 WB4 P . -7.79 4.09 -24.97
S1 WB4 P . -8.40 1.58 -24.12
C29 WB4 P . -7.26 0.20 -24.25
N4 WB4 P . -8.65 0.79 -28.20
C21 WB4 P . -8.76 -0.50 -28.87
C20 WB4 P . -10.18 -0.95 -28.92
C19 WB4 P . -10.31 -2.46 -29.03
C WB4 P . -11.53 -2.82 -29.86
O WB4 P . -12.69 -6.28 -31.52
S WB4 P . -14.67 -5.93 -33.85
C18 WB4 P . -15.72 -4.72 -34.49
N3 WB4 P . -15.83 -3.63 -33.80
C2 WB4 P . -12.55 -4.42 -28.22
N1 WB4 P . -13.68 -3.93 -27.66
N WB4 P . -11.85 -5.13 -27.37
C5 WB4 P . -14.88 -4.17 -25.45
C10 WB4 P . -15.01 -4.95 -24.32
C9 WB4 P . -16.04 -4.76 -23.44
C8 WB4 P . -17.03 -3.77 -23.68
C12 WB4 P . -19.12 -2.68 -23.17
C7 WB4 P . -16.92 -2.99 -24.86
C6 WB4 P . -15.82 -3.21 -25.73
ZN ZN Q . 17.14 -17.30 14.91
CA CA R . 0.20 -15.74 4.50
CA CA S . 11.16 -20.41 13.32
C1 PEG T . 1.05 -16.01 -11.22
O1 PEG T . -0.35 -16.03 -10.91
C2 PEG T . 1.68 -17.37 -11.16
O2 PEG T . 1.13 -18.19 -12.17
C3 PEG T . 1.49 -19.56 -12.06
C4 PEG T . 0.77 -20.38 -13.07
O4 PEG T . 0.83 -19.81 -14.38
C1 WB4 U . 18.37 -10.49 20.19
N2 WB4 U . 17.97 -9.15 20.57
C3 WB4 U . 21.42 -11.69 21.63
C4 WB4 U . 21.88 -10.44 21.26
C11 WB4 U . 27.18 -8.35 21.06
C13 WB4 U . 26.42 -6.61 19.61
C14 WB4 U . 25.15 -7.11 19.64
C15 WB4 U . 17.08 -8.91 21.54
C16 WB4 U . 16.58 -7.53 21.57
C17 WB4 U . 16.87 -6.46 20.78
C24 WB4 U . 21.29 -15.27 12.99
C26 WB4 U . 20.99 -15.20 10.60
C27 WB4 U . 19.64 -14.99 10.77
C28 WB4 U . 19.10 -14.92 12.04
O1 WB4 U . 18.50 -15.99 14.81
C22 WB4 U . 19.13 -15.01 14.43
C23 WB4 U . 19.92 -15.06 13.17
C25 WB4 U . 21.82 -15.34 11.69
S1 WB4 U . 22.48 -15.39 14.30
C29 WB4 U . 21.73 -16.51 15.49
N4 WB4 U . 19.14 -13.87 15.10
C21 WB4 U . 18.53 -13.73 16.41
C20 WB4 U . 18.35 -12.29 16.78
C19 WB4 U . 18.23 -12.10 18.27
C WB4 U . 18.27 -10.66 18.68
O WB4 U . 16.70 -9.76 22.34
S WB4 U . 15.43 -7.05 22.75
C18 WB4 U . 15.43 -5.46 22.07
N3 WB4 U . 16.22 -5.28 21.06
C2 WB4 U . 19.77 -10.72 20.69
N1 WB4 U . 20.81 -9.85 20.65
N WB4 U . 20.11 -11.85 21.28
C5 WB4 U . 23.25 -9.91 21.20
C10 WB4 U . 24.28 -10.53 21.92
C9 WB4 U . 25.56 -10.05 21.88
C8 WB4 U . 25.87 -8.90 21.12
C12 WB4 U . 27.44 -7.23 20.33
C7 WB4 U . 24.84 -8.27 20.39
C6 WB4 U . 23.53 -8.80 20.45
#